data_3DD9
#
_entry.id   3DD9
#
_cell.length_a   53.084
_cell.length_b   197.988
_cell.length_c   54.109
_cell.angle_alpha   90.00
_cell.angle_beta   93.04
_cell.angle_gamma   90.00
#
_symmetry.space_group_name_H-M   'P 1 21 1'
#
loop_
_entity.id
_entity.type
_entity.pdbx_description
1 polymer 'Death on curing protein'
2 water water
#
_entity_poly.entity_id   1
_entity_poly.type   'polypeptide(L)'
_entity_poly.pdbx_seq_one_letter_code
;MRHISPEELIALHDANISRYGGLPGMSDPGRAEAIIGRVQARVAYEEITDLFEVSATYLVATARGYIFNDANKRTALNSA
LLFLRRNGVQVFDSPELADLTVGAATGEISVSSVADTLRRLYGSADPLEHHHHHH
;
_entity_poly.pdbx_strand_id   A,B,C,D,E,F,G,H
#
# COMPACT_ATOMS: atom_id res chain seq x y z
N MET A 1 -29.36 -10.30 9.32
CA MET A 1 -28.12 -9.52 9.05
C MET A 1 -26.94 -10.12 9.80
N ARG A 2 -25.73 -9.82 9.29
CA ARG A 2 -24.51 -10.34 9.86
C ARG A 2 -23.79 -9.25 10.67
N HIS A 3 -23.55 -9.52 11.94
CA HIS A 3 -22.88 -8.59 12.83
C HIS A 3 -21.38 -8.77 12.90
N ILE A 4 -20.72 -7.85 13.58
CA ILE A 4 -19.32 -7.92 13.86
C ILE A 4 -19.16 -8.39 15.32
N SER A 5 -18.18 -9.25 15.54
CA SER A 5 -17.81 -9.72 16.88
C SER A 5 -16.79 -8.81 17.60
N PRO A 6 -16.72 -8.90 18.96
CA PRO A 6 -15.71 -8.14 19.70
C PRO A 6 -14.30 -8.48 19.25
N GLU A 7 -14.05 -9.77 18.96
CA GLU A 7 -12.72 -10.22 18.55
C GLU A 7 -12.36 -9.58 17.22
N GLU A 8 -13.36 -9.38 16.37
CA GLU A 8 -13.11 -8.78 15.09
C GLU A 8 -12.82 -7.29 15.26
N LEU A 9 -13.49 -6.68 16.22
CA LEU A 9 -13.34 -5.27 16.53
C LEU A 9 -11.97 -4.97 17.16
N ILE A 10 -11.57 -5.79 18.12
CA ILE A 10 -10.23 -5.70 18.70
C ILE A 10 -9.21 -5.80 17.59
N ALA A 11 -9.39 -6.77 16.69
CA ALA A 11 -8.49 -6.93 15.52
C ALA A 11 -8.45 -5.74 14.53
N LEU A 12 -9.59 -5.08 14.31
CA LEU A 12 -9.58 -3.86 13.49
C LEU A 12 -8.66 -2.82 14.11
N HIS A 13 -8.71 -2.78 15.44
CA HIS A 13 -8.06 -1.77 16.23
C HIS A 13 -6.54 -2.00 16.29
N ASP A 14 -6.10 -3.18 16.75
CA ASP A 14 -4.69 -3.57 16.67
C ASP A 14 -4.10 -3.18 15.31
N ALA A 15 -4.78 -3.55 14.22
CA ALA A 15 -4.29 -3.26 12.86
C ALA A 15 -4.15 -1.77 12.58
N ASN A 16 -5.09 -0.97 13.10
CA ASN A 16 -5.02 0.47 12.92
C ASN A 16 -3.91 1.08 13.75
N ILE A 17 -3.67 0.53 14.94
CA ILE A 17 -2.63 1.04 15.82
C ILE A 17 -1.29 1.15 15.09
N SER A 18 -0.95 0.12 14.32
CA SER A 18 0.29 0.09 13.58
C SER A 18 0.52 1.42 12.87
N ARG A 19 -0.53 2.22 12.78
CA ARG A 19 -0.45 3.53 12.13
C ARG A 19 0.66 3.52 11.08
N ASP A 28 -9.05 -2.92 26.40
CA ASP A 28 -10.21 -3.74 26.09
C ASP A 28 -10.45 -4.72 27.21
N PRO A 29 -11.05 -5.86 26.90
CA PRO A 29 -11.63 -6.12 25.59
C PRO A 29 -13.03 -6.65 25.76
N GLY A 30 -13.75 -6.15 26.75
CA GLY A 30 -13.32 -5.01 27.51
C GLY A 30 -14.20 -3.91 26.98
N ARG A 31 -13.60 -2.86 26.48
CA ARG A 31 -14.31 -1.80 25.78
C ARG A 31 -15.06 -2.35 24.55
N ALA A 32 -14.39 -3.21 23.79
CA ALA A 32 -14.92 -3.71 22.54
C ALA A 32 -16.15 -4.60 22.77
N GLU A 33 -16.09 -5.37 23.84
CA GLU A 33 -17.17 -6.26 24.27
C GLU A 33 -18.38 -5.39 24.56
N ALA A 34 -18.15 -4.27 25.21
CA ALA A 34 -19.24 -3.38 25.62
C ALA A 34 -19.86 -2.63 24.46
N ILE A 35 -19.03 -2.24 23.49
CA ILE A 35 -19.49 -1.54 22.29
C ILE A 35 -20.45 -2.40 21.46
N ILE A 36 -19.98 -3.60 21.08
CA ILE A 36 -20.77 -4.56 20.29
C ILE A 36 -22.05 -4.98 21.00
N GLY A 37 -21.95 -5.25 22.29
CA GLY A 37 -23.12 -5.53 23.12
C GLY A 37 -24.09 -4.37 23.13
N ARG A 38 -23.59 -3.16 23.32
CA ARG A 38 -24.40 -1.97 23.23
C ARG A 38 -25.07 -1.95 21.85
N VAL A 39 -24.31 -2.25 20.79
CA VAL A 39 -24.85 -2.14 19.44
C VAL A 39 -25.91 -3.18 19.15
N GLN A 40 -25.56 -4.43 19.43
CA GLN A 40 -26.50 -5.52 19.27
C GLN A 40 -27.75 -5.32 20.12
N ALA A 41 -27.60 -4.74 21.31
CA ALA A 41 -28.75 -4.45 22.16
C ALA A 41 -29.73 -3.45 21.55
N ARG A 42 -29.22 -2.30 21.13
CA ARG A 42 -30.06 -1.28 20.52
C ARG A 42 -30.73 -1.80 19.26
N VAL A 43 -30.01 -2.57 18.45
CA VAL A 43 -30.60 -3.04 17.21
C VAL A 43 -31.78 -3.98 17.47
N ALA A 44 -31.66 -4.83 18.48
CA ALA A 44 -32.76 -5.73 18.83
C ALA A 44 -33.92 -4.94 19.45
N TYR A 45 -33.60 -4.20 20.51
CA TYR A 45 -34.62 -3.57 21.34
C TYR A 45 -35.39 -2.47 20.64
N GLU A 46 -34.69 -1.72 19.79
CA GLU A 46 -35.31 -0.61 19.10
C GLU A 46 -35.70 -0.98 17.69
N GLU A 47 -35.61 -2.27 17.38
CA GLU A 47 -36.11 -2.80 16.11
C GLU A 47 -35.46 -2.03 14.97
N ILE A 48 -34.15 -2.05 14.92
CA ILE A 48 -33.48 -1.36 13.82
C ILE A 48 -33.22 -2.38 12.73
N THR A 49 -33.89 -2.16 11.60
CA THR A 49 -33.99 -3.14 10.54
C THR A 49 -33.24 -2.77 9.25
N ASP A 50 -32.99 -1.49 9.00
CA ASP A 50 -32.24 -1.24 7.79
C ASP A 50 -30.75 -1.06 7.98
N LEU A 51 -30.02 -1.56 7.00
CA LEU A 51 -28.58 -1.75 7.04
C LEU A 51 -27.78 -0.49 7.35
N PHE A 52 -28.18 0.61 6.71
CA PHE A 52 -27.53 1.90 6.89
C PHE A 52 -27.79 2.49 8.27
N GLU A 53 -28.99 2.27 8.82
CA GLU A 53 -29.27 2.69 10.19
C GLU A 53 -28.43 1.86 11.17
N VAL A 54 -28.24 0.59 10.87
CA VAL A 54 -27.43 -0.23 11.75
C VAL A 54 -25.97 0.17 11.59
N SER A 55 -25.53 0.37 10.35
CA SER A 55 -24.15 0.81 10.09
C SER A 55 -23.82 2.08 10.86
N ALA A 56 -24.74 3.02 10.84
CA ALA A 56 -24.61 4.27 11.53
C ALA A 56 -24.55 4.05 13.03
N THR A 57 -25.27 3.04 13.54
CA THR A 57 -25.22 2.70 14.97
C THR A 57 -23.83 2.21 15.35
N TYR A 58 -23.19 1.42 14.48
CA TYR A 58 -21.82 1.01 14.71
C TYR A 58 -20.86 2.18 14.74
N LEU A 59 -21.01 3.15 13.84
CA LEU A 59 -20.04 4.21 13.76
C LEU A 59 -20.10 5.07 15.02
N VAL A 60 -21.33 5.37 15.42
CA VAL A 60 -21.58 6.20 16.58
C VAL A 60 -21.07 5.52 17.87
N ALA A 61 -21.44 4.27 18.10
CA ALA A 61 -21.00 3.51 19.27
C ALA A 61 -19.47 3.32 19.27
N THR A 62 -18.90 3.05 18.11
CA THR A 62 -17.50 2.72 18.09
C THR A 62 -16.72 4.04 18.24
N ALA A 63 -17.23 5.10 17.65
CA ALA A 63 -16.55 6.39 17.69
C ALA A 63 -16.48 6.91 19.13
N ARG A 64 -17.60 6.86 19.82
CA ARG A 64 -17.71 7.28 21.19
C ARG A 64 -16.83 6.51 22.15
N GLY A 65 -16.72 5.23 21.94
CA GLY A 65 -15.98 4.44 22.91
C GLY A 65 -14.48 4.46 22.64
N TYR A 66 -14.07 4.68 21.43
CA TYR A 66 -12.65 4.71 21.16
C TYR A 66 -12.10 6.12 21.19
N ILE A 67 -12.84 7.07 20.61
CA ILE A 67 -12.33 8.41 20.53
C ILE A 67 -12.30 9.07 21.92
N PHE A 68 -13.41 9.00 22.66
CA PHE A 68 -13.38 9.55 24.01
C PHE A 68 -12.85 8.53 24.99
N ASN A 69 -11.58 8.20 24.78
CA ASN A 69 -10.84 7.31 25.63
C ASN A 69 -10.40 8.01 26.92
N ASP A 70 -9.65 7.29 27.74
CA ASP A 70 -9.27 7.71 29.09
C ASP A 70 -8.42 8.99 29.08
N ALA A 71 -7.49 9.07 28.18
CA ALA A 71 -6.60 10.19 28.07
C ALA A 71 -7.32 11.44 27.62
N ASN A 72 -8.23 11.29 26.69
CA ASN A 72 -9.06 12.37 26.26
C ASN A 72 -10.00 12.86 27.36
N LYS A 73 -10.70 11.95 28.01
CA LYS A 73 -11.60 12.31 29.07
C LYS A 73 -10.97 13.03 30.22
N ARG A 74 -9.78 12.62 30.60
CA ARG A 74 -9.13 13.16 31.79
C ARG A 74 -8.51 14.52 31.51
N THR A 75 -8.06 14.69 30.31
CA THR A 75 -7.60 16.00 29.91
C THR A 75 -8.77 16.98 29.92
N ALA A 76 -9.89 16.59 29.33
CA ALA A 76 -11.09 17.43 29.33
C ALA A 76 -11.56 17.77 30.73
N LEU A 77 -11.63 16.76 31.61
CA LEU A 77 -12.10 16.99 32.99
C LEU A 77 -11.14 17.91 33.70
N ASN A 78 -9.86 17.56 33.65
CA ASN A 78 -8.84 18.39 34.23
C ASN A 78 -8.88 19.83 33.73
N SER A 79 -9.25 20.11 32.49
CA SER A 79 -9.13 21.53 32.08
C SER A 79 -10.23 22.36 32.72
N ALA A 80 -11.39 21.73 32.89
CA ALA A 80 -12.55 22.32 33.52
C ALA A 80 -12.30 22.63 35.01
N LEU A 81 -11.75 21.64 35.71
CA LEU A 81 -11.38 21.75 37.10
C LEU A 81 -10.21 22.76 37.33
N LEU A 82 -9.21 22.73 36.47
CA LEU A 82 -8.12 23.68 36.53
C LEU A 82 -8.62 25.10 36.38
N PHE A 83 -9.47 25.35 35.39
CA PHE A 83 -10.05 26.68 35.23
C PHE A 83 -10.76 27.18 36.53
N LEU A 84 -11.47 26.31 37.21
CA LEU A 84 -12.18 26.71 38.42
C LEU A 84 -11.19 26.97 39.57
N ARG A 85 -10.25 26.05 39.80
CA ARG A 85 -9.15 26.27 40.72
C ARG A 85 -8.55 27.69 40.57
N ARG A 86 -8.12 28.01 39.36
CA ARG A 86 -7.52 29.30 39.02
C ARG A 86 -8.44 30.49 39.32
N ASN A 87 -9.73 30.23 39.46
CA ASN A 87 -10.66 31.33 39.73
C ASN A 87 -11.22 31.27 41.15
N GLY A 88 -10.46 30.58 42.00
CA GLY A 88 -10.67 30.57 43.42
C GLY A 88 -11.77 29.64 43.91
N VAL A 89 -12.21 28.71 43.07
CA VAL A 89 -13.24 27.76 43.47
C VAL A 89 -12.60 26.50 44.00
N GLN A 90 -13.10 25.98 45.10
CA GLN A 90 -12.55 24.76 45.67
C GLN A 90 -13.13 23.57 44.95
N VAL A 91 -12.29 22.67 44.48
CA VAL A 91 -12.79 21.51 43.76
C VAL A 91 -12.34 20.22 44.47
N PHE A 92 -13.05 19.13 44.23
CA PHE A 92 -12.71 17.84 44.84
C PHE A 92 -13.19 16.77 43.88
N ASP A 93 -12.65 15.56 43.99
CA ASP A 93 -13.12 14.50 43.10
C ASP A 93 -14.50 14.06 43.56
N SER A 94 -15.39 13.85 42.60
CA SER A 94 -16.72 13.35 42.88
C SER A 94 -17.06 12.33 41.82
N PRO A 95 -17.69 11.21 42.21
CA PRO A 95 -17.97 10.05 41.32
C PRO A 95 -18.85 10.36 40.09
N GLU A 96 -19.61 11.44 40.17
CA GLU A 96 -20.41 11.96 39.06
C GLU A 96 -19.58 12.40 37.85
N LEU A 97 -18.33 12.79 38.09
CA LEU A 97 -17.54 13.48 37.07
C LEU A 97 -17.17 12.64 35.85
N ALA A 98 -16.96 11.33 36.06
CA ALA A 98 -16.57 10.44 34.95
C ALA A 98 -17.64 10.33 33.86
N ASP A 99 -18.88 10.06 34.25
CA ASP A 99 -19.99 10.00 33.32
C ASP A 99 -20.33 11.38 32.76
N LEU A 100 -20.00 12.40 33.51
CA LEU A 100 -20.39 13.73 33.12
C LEU A 100 -19.59 14.12 31.87
N THR A 101 -18.35 13.67 31.81
CA THR A 101 -17.42 14.07 30.76
C THR A 101 -17.76 13.45 29.41
N VAL A 102 -17.98 12.13 29.40
CA VAL A 102 -18.38 11.44 28.18
C VAL A 102 -19.72 11.92 27.65
N GLY A 103 -20.71 11.96 28.54
CA GLY A 103 -21.99 12.61 28.24
C GLY A 103 -21.82 13.95 27.54
N ALA A 104 -20.96 14.81 28.06
CA ALA A 104 -20.83 16.16 27.51
C ALA A 104 -20.03 16.16 26.21
N ALA A 105 -18.96 15.38 26.18
CA ALA A 105 -18.18 15.16 24.98
C ALA A 105 -19.05 14.70 23.82
N THR A 106 -19.99 13.78 24.09
CA THR A 106 -20.79 13.16 23.03
C THR A 106 -22.04 13.96 22.63
N GLY A 107 -22.53 14.83 23.51
CA GLY A 107 -23.68 15.66 23.16
C GLY A 107 -24.95 15.21 23.86
N GLU A 108 -24.84 14.23 24.74
CA GLU A 108 -25.99 13.71 25.47
C GLU A 108 -26.40 14.71 26.55
N ILE A 109 -25.41 15.29 27.22
CA ILE A 109 -25.63 16.26 28.25
C ILE A 109 -25.20 17.62 27.70
N SER A 110 -26.13 18.56 27.67
CA SER A 110 -25.86 19.86 27.09
C SER A 110 -24.94 20.62 28.01
N VAL A 111 -24.27 21.63 27.46
CA VAL A 111 -23.33 22.43 28.20
C VAL A 111 -23.96 23.03 29.46
N SER A 112 -25.22 23.47 29.38
CA SER A 112 -25.92 24.04 30.53
C SER A 112 -26.15 23.03 31.67
N SER A 113 -26.43 21.78 31.33
CA SER A 113 -26.59 20.77 32.37
C SER A 113 -25.27 20.46 33.08
N VAL A 114 -24.16 20.42 32.34
CA VAL A 114 -22.82 20.25 32.93
C VAL A 114 -22.53 21.41 33.89
N ALA A 115 -22.76 22.63 33.44
CA ALA A 115 -22.53 23.80 34.28
C ALA A 115 -23.36 23.69 35.57
N ASP A 116 -24.60 23.25 35.44
CA ASP A 116 -25.48 23.14 36.61
C ASP A 116 -24.96 22.03 37.54
N THR A 117 -24.52 20.91 36.99
CA THR A 117 -23.91 19.89 37.85
C THR A 117 -22.68 20.42 38.57
N LEU A 118 -21.80 21.12 37.85
CA LEU A 118 -20.58 21.66 38.46
C LEU A 118 -20.90 22.70 39.55
N ARG A 119 -21.88 23.56 39.27
CA ARG A 119 -22.38 24.55 40.24
C ARG A 119 -22.95 23.92 41.50
N ARG A 120 -23.65 22.80 41.34
CA ARG A 120 -24.23 22.10 42.48
C ARG A 120 -23.16 21.55 43.45
N LEU A 121 -22.16 20.91 42.88
CA LEU A 121 -21.07 20.34 43.63
C LEU A 121 -20.15 21.33 44.31
N TYR A 122 -19.71 22.36 43.62
CA TYR A 122 -18.55 23.11 44.06
C TYR A 122 -18.89 24.52 44.46
N GLY A 123 -20.08 24.89 44.08
CA GLY A 123 -20.64 26.26 44.13
C GLY A 123 -21.11 26.81 45.49
N SER A 124 -21.21 28.15 45.55
CA SER A 124 -21.70 28.88 46.74
C SER A 124 -23.20 28.69 47.00
N ALA A 125 -23.65 29.17 48.15
CA ALA A 125 -25.06 29.04 48.57
C ALA A 125 -26.08 29.57 47.54
N MET B 1 -11.96 37.28 34.79
CA MET B 1 -11.74 35.81 34.70
C MET B 1 -10.30 35.49 34.34
N ARG B 2 -9.72 34.53 35.04
CA ARG B 2 -8.45 33.97 34.64
C ARG B 2 -8.68 32.75 33.72
N HIS B 3 -8.14 32.81 32.51
CA HIS B 3 -8.19 31.69 31.57
C HIS B 3 -6.97 30.78 31.64
N ILE B 4 -7.15 29.56 31.15
CA ILE B 4 -6.08 28.57 30.99
C ILE B 4 -5.23 29.11 29.85
N SER B 5 -3.92 28.92 29.97
CA SER B 5 -2.99 29.25 28.91
C SER B 5 -2.70 27.98 28.13
N PRO B 6 -2.29 28.11 26.87
CA PRO B 6 -1.89 26.96 26.07
C PRO B 6 -0.93 26.04 26.78
N GLU B 7 0.04 26.58 27.50
CA GLU B 7 1.05 25.75 28.20
C GLU B 7 0.46 24.81 29.24
N GLU B 8 -0.51 25.29 30.01
CA GLU B 8 -1.13 24.44 31.00
C GLU B 8 -1.97 23.37 30.32
N LEU B 9 -2.48 23.65 29.13
CA LEU B 9 -3.34 22.69 28.46
C LEU B 9 -2.54 21.56 27.82
N ILE B 10 -1.46 21.93 27.12
CA ILE B 10 -0.50 20.95 26.61
C ILE B 10 0.06 20.04 27.73
N ALA B 11 0.40 20.63 28.88
CA ALA B 11 0.86 19.84 30.03
C ALA B 11 -0.19 18.89 30.59
N LEU B 12 -1.45 19.32 30.65
CA LEU B 12 -2.49 18.39 31.05
C LEU B 12 -2.56 17.24 30.03
N HIS B 13 -2.40 17.57 28.76
CA HIS B 13 -2.56 16.58 27.71
C HIS B 13 -1.42 15.56 27.69
N ASP B 14 -0.18 16.05 27.75
CA ASP B 14 1.01 15.21 27.79
C ASP B 14 1.03 14.29 29.02
N ALA B 15 0.70 14.83 30.20
CA ALA B 15 0.65 14.02 31.42
C ALA B 15 -0.33 12.88 31.24
N ASN B 16 -1.49 13.20 30.69
CA ASN B 16 -2.48 12.18 30.42
C ASN B 16 -2.11 11.20 29.31
N ILE B 17 -1.37 11.69 28.32
CA ILE B 17 -0.88 10.87 27.22
C ILE B 17 0.25 9.94 27.69
N SER B 18 1.06 10.42 28.63
CA SER B 18 2.19 9.68 29.18
C SER B 18 1.70 8.61 30.13
N ARG B 19 0.66 8.93 30.91
CA ARG B 19 -0.02 7.93 31.72
C ARG B 19 -0.67 6.57 31.37
N TYR B 20 -1.82 6.58 30.71
CA TYR B 20 -2.44 5.73 29.66
C TYR B 20 -1.60 5.61 28.38
N SER B 27 0.39 15.99 19.66
CA SER B 27 0.27 17.19 20.45
C SER B 27 1.08 18.30 19.82
N ASP B 28 0.39 19.27 19.28
CA ASP B 28 1.06 20.29 18.52
C ASP B 28 0.55 21.66 18.85
N PRO B 29 1.02 22.22 19.96
CA PRO B 29 0.72 23.57 20.41
C PRO B 29 -0.44 24.36 19.82
N GLY B 30 -0.64 24.38 18.52
CA GLY B 30 -1.73 25.12 17.93
C GLY B 30 -3.07 24.51 18.20
N ARG B 31 -3.06 23.24 18.53
CA ARG B 31 -4.25 22.54 18.95
C ARG B 31 -4.79 23.19 20.22
N ALA B 32 -3.90 23.42 21.17
CA ALA B 32 -4.25 23.98 22.47
C ALA B 32 -4.77 25.44 22.38
N GLU B 33 -4.10 26.24 21.56
CA GLU B 33 -4.52 27.60 21.23
C GLU B 33 -5.90 27.60 20.59
N ALA B 34 -6.14 26.67 19.65
CA ALA B 34 -7.46 26.61 19.02
C ALA B 34 -8.56 26.37 20.04
N ILE B 35 -8.30 25.34 20.89
CA ILE B 35 -9.25 25.00 21.94
C ILE B 35 -9.55 26.20 22.83
N ILE B 36 -8.50 26.88 23.28
CA ILE B 36 -8.66 28.01 24.20
C ILE B 36 -9.35 29.19 23.54
N GLY B 37 -9.01 29.42 22.27
CA GLY B 37 -9.70 30.40 21.42
C GLY B 37 -11.16 30.10 21.12
N ARG B 38 -11.51 28.82 20.91
CA ARG B 38 -12.91 28.45 20.72
C ARG B 38 -13.71 28.80 22.00
N VAL B 39 -13.11 28.55 23.17
CA VAL B 39 -13.74 28.91 24.44
C VAL B 39 -13.89 30.41 24.68
N GLN B 40 -12.82 31.18 24.47
CA GLN B 40 -12.82 32.63 24.70
C GLN B 40 -13.80 33.33 23.80
N ALA B 41 -14.00 32.78 22.60
CA ALA B 41 -14.96 33.33 21.65
C ALA B 41 -16.36 33.13 22.20
N ARG B 42 -16.69 31.90 22.60
CA ARG B 42 -18.03 31.60 23.11
C ARG B 42 -18.36 32.45 24.33
N VAL B 43 -17.36 32.72 25.17
CA VAL B 43 -17.65 33.45 26.40
C VAL B 43 -17.82 34.94 26.18
N ALA B 44 -17.10 35.49 25.21
CA ALA B 44 -17.21 36.91 24.85
C ALA B 44 -18.40 37.18 23.92
N TYR B 45 -18.70 36.19 23.08
CA TYR B 45 -19.87 36.20 22.19
C TYR B 45 -21.13 36.14 23.06
N GLU B 46 -21.31 35.02 23.73
CA GLU B 46 -22.55 34.66 24.40
C GLU B 46 -22.69 35.37 25.75
N GLU B 47 -21.75 36.25 26.07
CA GLU B 47 -21.79 37.10 27.27
C GLU B 47 -21.82 36.28 28.58
N ILE B 48 -20.83 35.41 28.77
CA ILE B 48 -20.87 34.45 29.85
C ILE B 48 -20.02 34.92 31.03
N THR B 49 -20.66 35.03 32.20
CA THR B 49 -19.99 35.51 33.39
C THR B 49 -19.91 34.42 34.44
N ASP B 50 -20.73 33.38 34.28
CA ASP B 50 -20.82 32.30 35.22
C ASP B 50 -19.60 31.36 35.06
N LEU B 51 -18.76 31.30 36.10
CA LEU B 51 -17.58 30.44 36.13
C LEU B 51 -17.89 29.01 35.70
N PHE B 52 -19.05 28.54 36.11
CA PHE B 52 -19.43 27.19 35.83
C PHE B 52 -19.81 26.96 34.39
N GLU B 53 -20.40 27.94 33.74
CA GLU B 53 -20.67 27.79 32.32
C GLU B 53 -19.42 27.86 31.47
N VAL B 54 -18.44 28.67 31.91
CA VAL B 54 -17.15 28.75 31.23
C VAL B 54 -16.42 27.46 31.48
N SER B 55 -16.53 26.92 32.70
CA SER B 55 -15.87 25.67 33.02
C SER B 55 -16.44 24.56 32.12
N ALA B 56 -17.76 24.53 31.97
CA ALA B 56 -18.40 23.51 31.16
C ALA B 56 -17.99 23.63 29.67
N THR B 57 -17.81 24.86 29.20
CA THR B 57 -17.32 25.09 27.84
C THR B 57 -15.92 24.50 27.62
N TYR B 58 -15.02 24.73 28.57
CA TYR B 58 -13.71 24.10 28.53
C TYR B 58 -13.81 22.60 28.42
N LEU B 59 -14.77 22.02 29.11
CA LEU B 59 -14.83 20.58 29.18
C LEU B 59 -15.16 20.02 27.81
N VAL B 60 -16.17 20.62 27.19
CA VAL B 60 -16.66 20.13 25.94
C VAL B 60 -15.65 20.48 24.86
N ALA B 61 -15.08 21.67 24.93
CA ALA B 61 -14.14 22.11 23.90
C ALA B 61 -12.82 21.36 23.94
N THR B 62 -12.42 20.93 25.12
CA THR B 62 -11.19 20.18 25.25
C THR B 62 -11.38 18.72 24.80
N ALA B 63 -12.51 18.12 25.16
CA ALA B 63 -12.85 16.81 24.63
C ALA B 63 -12.89 16.79 23.07
N ARG B 64 -13.69 17.68 22.46
CA ARG B 64 -13.85 17.74 20.97
C ARG B 64 -12.58 18.12 20.25
N GLY B 65 -11.69 18.78 20.98
CA GLY B 65 -10.40 18.12 21.19
C GLY B 65 -9.36 18.62 20.30
N TYR B 66 -8.23 17.93 20.18
CA TYR B 66 -7.93 16.57 20.79
C TYR B 66 -8.59 15.32 20.23
N ILE B 67 -9.51 15.47 19.29
CA ILE B 67 -9.89 14.36 18.44
C ILE B 67 -8.84 14.31 17.31
N PHE B 68 -8.11 13.22 17.25
CA PHE B 68 -7.07 13.09 16.25
C PHE B 68 -7.53 12.24 15.07
N ASN B 69 -6.95 12.49 13.91
CA ASN B 69 -7.08 11.57 12.79
C ASN B 69 -6.12 10.40 13.05
N ASP B 70 -6.53 9.50 13.94
CA ASP B 70 -5.68 8.41 14.40
C ASP B 70 -6.42 7.05 14.42
N ALA B 71 -5.83 6.07 15.09
CA ALA B 71 -6.34 4.71 15.18
C ALA B 71 -7.78 4.62 15.65
N ASN B 72 -8.14 5.44 16.62
CA ASN B 72 -9.44 5.38 17.22
C ASN B 72 -10.49 5.89 16.27
N LYS B 73 -10.13 6.90 15.49
CA LYS B 73 -11.10 7.44 14.54
C LYS B 73 -11.35 6.45 13.41
N ARG B 74 -10.30 5.75 12.99
CA ARG B 74 -10.31 4.86 11.85
C ARG B 74 -11.09 3.59 12.18
N THR B 75 -10.91 3.10 13.41
CA THR B 75 -11.61 1.91 13.86
C THR B 75 -13.12 2.10 13.75
N ALA B 76 -13.61 3.28 14.16
CA ALA B 76 -15.05 3.55 14.18
C ALA B 76 -15.57 3.38 12.79
N LEU B 77 -14.87 4.00 11.85
CA LEU B 77 -15.24 3.97 10.46
C LEU B 77 -15.05 2.56 9.85
N ASN B 78 -13.97 1.86 10.19
CA ASN B 78 -13.83 0.51 9.70
C ASN B 78 -15.06 -0.35 10.08
N SER B 79 -15.51 -0.21 11.33
CA SER B 79 -16.59 -1.06 11.82
C SER B 79 -17.87 -0.78 11.04
N ALA B 80 -18.19 0.49 10.77
CA ALA B 80 -19.42 0.81 10.04
C ALA B 80 -19.35 0.24 8.61
N LEU B 81 -18.17 0.32 8.01
CA LEU B 81 -17.99 -0.09 6.64
C LEU B 81 -17.83 -1.62 6.50
N LEU B 82 -17.16 -2.26 7.47
CA LEU B 82 -17.11 -3.72 7.48
C LEU B 82 -18.52 -4.32 7.60
N PHE B 83 -19.36 -3.72 8.43
CA PHE B 83 -20.71 -4.27 8.59
C PHE B 83 -21.53 -4.16 7.30
N LEU B 84 -21.37 -3.06 6.57
CA LEU B 84 -22.00 -2.93 5.27
C LEU B 84 -21.47 -3.96 4.28
N ARG B 85 -20.13 -4.06 4.13
CA ARG B 85 -19.56 -5.11 3.30
C ARG B 85 -20.08 -6.49 3.67
N ARG B 86 -20.01 -6.86 4.94
CA ARG B 86 -20.58 -8.13 5.42
C ARG B 86 -22.01 -8.41 4.95
N ASN B 87 -22.80 -7.36 4.76
CA ASN B 87 -24.19 -7.57 4.42
C ASN B 87 -24.56 -7.21 2.98
N GLY B 88 -23.62 -7.40 2.05
CA GLY B 88 -23.89 -7.30 0.62
C GLY B 88 -23.83 -5.90 0.02
N VAL B 89 -23.35 -4.93 0.79
CA VAL B 89 -23.24 -3.56 0.26
C VAL B 89 -21.80 -3.24 -0.13
N GLN B 90 -21.64 -2.86 -1.39
CA GLN B 90 -20.33 -2.47 -1.87
C GLN B 90 -19.95 -1.08 -1.35
N VAL B 91 -18.71 -0.93 -0.95
CA VAL B 91 -18.25 0.21 -0.20
C VAL B 91 -16.96 0.75 -0.83
N PHE B 92 -16.70 2.05 -0.70
CA PHE B 92 -15.53 2.72 -1.30
C PHE B 92 -15.20 3.97 -0.50
N ASP B 93 -14.02 4.54 -0.72
CA ASP B 93 -13.58 5.74 0.01
C ASP B 93 -14.26 6.96 -0.59
N SER B 94 -14.69 7.86 0.28
CA SER B 94 -15.32 9.07 -0.14
C SER B 94 -14.94 10.20 0.78
N PRO B 95 -15.06 11.40 0.29
CA PRO B 95 -14.61 12.56 1.02
C PRO B 95 -15.48 12.90 2.21
N GLU B 96 -16.75 12.54 2.13
CA GLU B 96 -17.66 12.79 3.23
C GLU B 96 -17.30 12.11 4.50
N LEU B 97 -16.62 10.99 4.43
CA LEU B 97 -16.53 10.12 5.58
C LEU B 97 -15.74 10.59 6.83
N ALA B 98 -14.70 11.39 6.65
CA ALA B 98 -13.87 11.84 7.79
C ALA B 98 -14.63 12.76 8.72
N ASP B 99 -15.38 13.69 8.12
CA ASP B 99 -16.16 14.65 8.88
C ASP B 99 -17.37 13.96 9.47
N LEU B 100 -17.71 12.82 8.89
CA LEU B 100 -18.84 12.03 9.32
C LEU B 100 -18.58 11.40 10.71
N THR B 101 -17.36 10.89 10.91
CA THR B 101 -17.01 10.19 12.15
C THR B 101 -16.99 11.09 13.37
N VAL B 102 -16.27 12.20 13.24
CA VAL B 102 -16.11 13.21 14.28
C VAL B 102 -17.49 13.75 14.61
N GLY B 103 -18.21 14.22 13.60
CA GLY B 103 -19.58 14.69 13.77
C GLY B 103 -20.50 13.62 14.38
N ALA B 104 -20.26 12.35 14.06
CA ALA B 104 -21.04 11.29 14.71
C ALA B 104 -20.68 11.18 16.18
N ALA B 105 -19.38 11.20 16.47
CA ALA B 105 -18.91 11.09 17.84
C ALA B 105 -19.42 12.22 18.72
N THR B 106 -19.51 13.44 18.17
CA THR B 106 -19.79 14.62 18.97
C THR B 106 -21.26 14.94 19.07
N GLY B 107 -22.09 14.16 18.38
CA GLY B 107 -23.53 14.39 18.39
C GLY B 107 -24.01 15.54 17.51
N GLU B 108 -23.08 16.18 16.82
CA GLU B 108 -23.40 17.24 15.88
C GLU B 108 -24.13 16.66 14.67
N ILE B 109 -23.72 15.46 14.25
CA ILE B 109 -24.43 14.74 13.21
C ILE B 109 -25.21 13.61 13.86
N SER B 110 -26.53 13.61 13.70
CA SER B 110 -27.37 12.55 14.26
C SER B 110 -27.19 11.22 13.50
N VAL B 111 -27.46 10.13 14.23
CA VAL B 111 -27.52 8.78 13.68
C VAL B 111 -28.20 8.74 12.33
N SER B 112 -29.44 9.24 12.28
CA SER B 112 -30.26 9.22 11.08
C SER B 112 -29.65 9.98 9.91
N SER B 113 -28.98 11.08 10.20
CA SER B 113 -28.24 11.80 9.18
C SER B 113 -27.02 11.00 8.73
N VAL B 114 -26.34 10.35 9.67
CA VAL B 114 -25.24 9.44 9.31
C VAL B 114 -25.73 8.35 8.39
N ALA B 115 -26.84 7.73 8.75
CA ALA B 115 -27.43 6.64 7.95
C ALA B 115 -27.79 7.18 6.56
N ASP B 116 -28.24 8.43 6.52
CA ASP B 116 -28.71 9.02 5.29
C ASP B 116 -27.57 9.25 4.33
N THR B 117 -26.42 9.63 4.89
CA THR B 117 -25.24 9.85 4.06
C THR B 117 -24.67 8.53 3.53
N LEU B 118 -24.72 7.47 4.33
CA LEU B 118 -24.27 6.17 3.86
C LEU B 118 -25.24 5.54 2.86
N ARG B 119 -26.54 5.64 3.15
CA ARG B 119 -27.55 5.19 2.20
C ARG B 119 -27.38 5.88 0.82
N ARG B 120 -27.09 7.18 0.82
CA ARG B 120 -26.95 7.96 -0.46
C ARG B 120 -25.70 7.61 -1.26
N LEU B 121 -24.57 7.45 -0.56
CA LEU B 121 -23.33 6.97 -1.18
C LEU B 121 -23.34 5.51 -1.66
N TYR B 122 -23.93 4.61 -0.89
CA TYR B 122 -23.71 3.17 -1.12
C TYR B 122 -24.95 2.43 -1.56
N GLY B 123 -26.14 2.95 -1.22
CA GLY B 123 -27.36 2.23 -1.47
C GLY B 123 -27.78 2.22 -2.93
N SER B 124 -28.71 1.32 -3.26
CA SER B 124 -29.32 1.20 -4.57
C SER B 124 -30.40 2.26 -4.78
N MET C 1 5.39 3.79 0.88
CA MET C 1 6.72 4.46 0.89
C MET C 1 7.72 3.82 1.84
N ARG C 2 8.98 3.82 1.41
CA ARG C 2 10.10 3.43 2.26
C ARG C 2 10.46 4.62 3.14
N HIS C 3 10.43 4.37 4.45
CA HIS C 3 10.79 5.37 5.45
C HIS C 3 12.21 5.24 5.89
N ILE C 4 12.72 6.25 6.57
CA ILE C 4 14.01 6.12 7.20
C ILE C 4 13.73 5.66 8.60
N SER C 5 14.56 4.73 9.07
CA SER C 5 14.46 4.20 10.43
C SER C 5 15.52 4.84 11.33
N PRO C 6 15.27 4.86 12.66
CA PRO C 6 16.24 5.37 13.64
C PRO C 6 17.66 4.86 13.41
N GLU C 7 17.79 3.59 13.04
CA GLU C 7 19.11 3.01 12.76
C GLU C 7 19.79 3.67 11.56
N GLU C 8 19.06 3.82 10.46
CA GLU C 8 19.61 4.46 9.24
C GLU C 8 20.00 5.91 9.47
N LEU C 9 19.23 6.58 10.34
CA LEU C 9 19.47 7.97 10.69
C LEU C 9 20.70 8.11 11.58
N ILE C 10 20.73 7.33 12.66
CA ILE C 10 21.85 7.30 13.60
C ILE C 10 23.10 6.91 12.83
N ALA C 11 22.92 5.96 11.90
CA ALA C 11 23.96 5.50 11.00
C ALA C 11 24.53 6.70 10.25
N LEU C 12 23.64 7.38 9.54
CA LEU C 12 23.92 8.55 8.71
C LEU C 12 24.65 9.68 9.46
N HIS C 13 24.21 9.95 10.69
CA HIS C 13 24.81 10.99 11.51
C HIS C 13 26.25 10.66 11.89
N ASP C 14 26.56 9.38 12.00
CA ASP C 14 27.89 8.93 12.36
C ASP C 14 28.91 9.29 11.30
N ALA C 15 28.60 8.97 10.04
CA ALA C 15 29.52 9.27 8.96
C ALA C 15 29.82 10.76 8.86
N ASN C 16 28.89 11.54 9.37
CA ASN C 16 28.77 12.95 9.17
C ASN C 16 29.57 13.53 10.31
N ILE C 17 29.48 12.89 11.46
CA ILE C 17 30.27 13.29 12.60
C ILE C 17 31.61 12.60 12.52
N SER C 18 32.15 12.52 11.32
CA SER C 18 33.39 11.79 11.09
C SER C 18 33.90 11.93 9.66
N PRO C 29 22.34 8.38 19.77
CA PRO C 29 21.55 8.17 20.99
C PRO C 29 20.17 7.58 20.74
N GLY C 30 19.19 8.40 21.01
CA GLY C 30 17.80 8.05 20.89
C GLY C 30 17.17 9.38 20.61
N ARG C 31 17.95 10.32 20.09
CA ARG C 31 17.30 11.54 19.64
C ARG C 31 16.69 11.12 18.33
N ALA C 32 17.39 10.26 17.64
CA ALA C 32 16.98 9.78 16.35
C ALA C 32 15.64 9.13 16.48
N GLU C 33 15.49 8.36 17.53
CA GLU C 33 14.19 7.77 17.82
C GLU C 33 13.09 8.82 17.86
N ALA C 34 13.25 9.84 18.67
CA ALA C 34 12.22 10.86 18.84
C ALA C 34 12.04 11.68 17.57
N ILE C 35 13.04 11.85 16.79
CA ILE C 35 12.94 12.56 15.53
C ILE C 35 12.08 11.77 14.53
N ILE C 36 12.45 10.51 14.30
CA ILE C 36 11.68 9.63 13.41
C ILE C 36 10.24 9.45 13.91
N GLY C 37 10.05 9.27 15.21
CA GLY C 37 8.72 9.09 15.77
C GLY C 37 7.80 10.25 15.40
N ARG C 38 8.33 11.45 15.58
CA ARG C 38 7.67 12.70 15.24
C ARG C 38 7.29 12.78 13.74
N VAL C 39 8.18 12.32 12.86
CA VAL C 39 7.92 12.38 11.42
C VAL C 39 6.95 11.29 10.99
N GLN C 40 7.35 10.04 11.24
CA GLN C 40 6.59 8.84 10.94
C GLN C 40 5.26 9.00 11.62
N ALA C 41 4.18 8.88 10.86
CA ALA C 41 2.81 8.94 11.37
C ALA C 41 2.49 10.12 12.29
N ARG C 42 3.52 10.67 12.93
CA ARG C 42 3.34 11.81 13.81
C ARG C 42 2.75 12.97 13.03
N VAL C 43 3.02 13.00 11.71
CA VAL C 43 2.31 13.92 10.80
C VAL C 43 1.55 13.26 9.63
N ALA C 44 1.37 11.94 9.69
CA ALA C 44 0.33 11.24 8.87
C ALA C 44 -0.50 10.17 9.65
N TYR C 45 -1.59 10.50 10.36
CA TYR C 45 -2.09 11.84 10.78
C TYR C 45 -2.55 12.88 9.78
N GLU C 46 -1.97 12.86 8.58
CA GLU C 46 -2.51 13.63 7.47
C GLU C 46 -2.54 12.81 6.18
N GLU C 47 -1.39 12.32 5.76
CA GLU C 47 -1.29 11.63 4.48
C GLU C 47 -1.50 12.66 3.36
N ILE C 48 -0.46 13.42 3.01
CA ILE C 48 0.95 13.09 3.23
C ILE C 48 1.17 11.75 2.52
N THR C 49 0.84 11.78 1.23
CA THR C 49 1.18 10.71 0.30
C THR C 49 2.17 11.30 -0.71
N ASP C 50 2.33 12.63 -0.64
CA ASP C 50 3.22 13.35 -1.56
C ASP C 50 4.65 13.34 -1.01
N LEU C 51 5.51 12.61 -1.73
CA LEU C 51 6.90 12.34 -1.32
C LEU C 51 7.64 13.60 -0.96
N PHE C 52 7.40 14.67 -1.72
CA PHE C 52 8.04 15.95 -1.41
C PHE C 52 7.58 16.56 -0.06
N GLU C 53 6.29 16.43 0.29
CA GLU C 53 5.81 16.91 1.59
C GLU C 53 6.42 16.04 2.71
N VAL C 54 6.55 14.75 2.46
CA VAL C 54 7.23 13.85 3.41
C VAL C 54 8.71 14.25 3.63
N SER C 55 9.49 14.23 2.57
CA SER C 55 10.87 14.62 2.60
C SER C 55 11.05 15.96 3.35
N ALA C 56 10.14 16.93 3.10
CA ALA C 56 10.15 18.22 3.79
C ALA C 56 9.94 18.06 5.27
N THR C 57 9.09 17.12 5.67
CA THR C 57 8.81 16.86 7.10
C THR C 57 10.09 16.36 7.79
N TYR C 58 10.78 15.39 7.18
CA TYR C 58 12.07 14.91 7.68
C TYR C 58 13.07 16.07 7.80
N LEU C 59 13.07 16.96 6.82
CA LEU C 59 14.06 18.01 6.81
C LEU C 59 13.85 18.97 7.98
N VAL C 60 12.60 19.35 8.25
CA VAL C 60 12.29 20.29 9.32
C VAL C 60 12.56 19.65 10.67
N ALA C 61 12.14 18.40 10.85
CA ALA C 61 12.27 17.74 12.12
C ALA C 61 13.71 17.36 12.45
N THR C 62 14.47 16.91 11.46
CA THR C 62 15.89 16.61 11.68
C THR C 62 16.67 17.92 11.90
N ALA C 63 16.35 18.94 11.12
CA ALA C 63 17.00 20.24 11.27
C ALA C 63 16.79 20.78 12.71
N ARG C 64 15.53 20.82 13.16
CA ARG C 64 15.20 21.25 14.52
C ARG C 64 15.79 20.35 15.57
N GLY C 65 15.90 19.08 15.27
CA GLY C 65 16.45 18.11 16.20
C GLY C 65 17.95 18.21 16.39
N TYR C 66 18.68 18.60 15.36
CA TYR C 66 20.12 18.49 15.38
C TYR C 66 20.83 19.83 15.35
N ILE C 67 20.37 20.77 14.54
CA ILE C 67 21.16 21.97 14.26
C ILE C 67 21.44 22.80 15.51
N PHE C 68 20.46 22.96 16.36
CA PHE C 68 20.69 23.76 17.52
C PHE C 68 21.43 22.97 18.58
N ASN C 69 22.72 22.77 18.35
CA ASN C 69 23.58 21.97 19.21
C ASN C 69 23.85 22.62 20.55
N ASP C 70 24.59 21.95 21.41
CA ASP C 70 24.72 22.39 22.77
C ASP C 70 25.53 23.66 22.92
N ALA C 71 26.57 23.81 22.12
CA ALA C 71 27.32 25.05 22.16
C ALA C 71 26.48 26.22 21.60
N ASN C 72 25.70 25.97 20.56
CA ASN C 72 24.80 26.95 20.01
C ASN C 72 23.79 27.41 21.06
N LYS C 73 23.06 26.48 21.65
CA LYS C 73 22.12 26.73 22.74
C LYS C 73 22.73 27.60 23.87
N ARG C 74 23.90 27.22 24.34
CA ARG C 74 24.52 27.85 25.50
C ARG C 74 25.03 29.24 25.16
N THR C 75 25.55 29.43 23.98
CA THR C 75 26.00 30.74 23.53
C THR C 75 24.80 31.67 23.42
N ALA C 76 23.68 31.14 22.95
CA ALA C 76 22.49 31.92 22.70
C ALA C 76 21.88 32.33 24.03
N LEU C 77 21.79 31.37 24.95
CA LEU C 77 21.32 31.66 26.29
C LEU C 77 22.29 32.64 26.98
N ASN C 78 23.59 32.35 26.95
CA ASN C 78 24.54 33.27 27.56
C ASN C 78 24.47 34.70 27.00
N SER C 79 24.18 34.89 25.73
CA SER C 79 24.25 36.27 25.21
C SER C 79 23.10 37.09 25.73
N ALA C 80 21.96 36.44 25.86
CA ALA C 80 20.75 37.01 26.47
C ALA C 80 20.95 37.40 27.96
N LEU C 81 21.62 36.54 28.71
CA LEU C 81 21.86 36.72 30.14
C LEU C 81 22.95 37.77 30.37
N LEU C 82 24.01 37.72 29.57
CA LEU C 82 25.01 38.76 29.56
C LEU C 82 24.41 40.16 29.30
N PHE C 83 23.58 40.30 28.28
CA PHE C 83 22.97 41.61 28.04
C PHE C 83 22.25 42.14 29.30
N LEU C 84 21.52 41.26 30.00
CA LEU C 84 20.80 41.63 31.21
C LEU C 84 21.76 41.91 32.36
N ARG C 85 22.83 41.13 32.50
CA ARG C 85 23.81 41.42 33.56
C ARG C 85 24.43 42.78 33.35
N ARG C 86 24.77 43.10 32.10
CA ARG C 86 25.42 44.35 31.77
C ARG C 86 24.54 45.55 32.08
N ASN C 87 23.23 45.31 32.14
CA ASN C 87 22.27 46.36 32.37
C ASN C 87 21.65 46.27 33.76
N GLY C 88 22.27 45.54 34.67
CA GLY C 88 21.93 45.59 36.08
C GLY C 88 20.92 44.59 36.66
N VAL C 89 20.51 43.63 35.85
CA VAL C 89 19.57 42.62 36.29
C VAL C 89 20.34 41.44 36.90
N GLN C 90 19.93 40.95 38.06
CA GLN C 90 20.49 39.70 38.56
C GLN C 90 19.93 38.52 37.77
N VAL C 91 20.80 37.64 37.30
CA VAL C 91 20.34 36.46 36.60
C VAL C 91 20.81 35.24 37.34
N PHE C 92 20.14 34.11 37.15
CA PHE C 92 20.56 32.87 37.79
C PHE C 92 20.12 31.73 36.91
N ASP C 93 20.72 30.56 37.10
CA ASP C 93 20.35 29.41 36.29
C ASP C 93 18.94 28.99 36.70
N SER C 94 18.12 28.66 35.72
CA SER C 94 16.81 28.09 35.98
C SER C 94 16.55 26.98 34.98
N PRO C 95 15.84 25.92 35.39
CA PRO C 95 15.64 24.75 34.50
C PRO C 95 14.78 25.05 33.27
N GLU C 96 13.90 26.03 33.36
CA GLU C 96 13.11 26.50 32.23
C GLU C 96 13.95 26.90 31.02
N LEU C 97 15.12 27.48 31.28
CA LEU C 97 15.91 28.16 30.26
C LEU C 97 16.34 27.30 29.08
N ALA C 98 16.60 26.01 29.33
CA ALA C 98 17.08 25.10 28.30
C ALA C 98 16.06 24.84 27.19
N ASP C 99 14.81 24.61 27.58
CA ASP C 99 13.74 24.38 26.62
C ASP C 99 13.32 25.70 25.99
N LEU C 100 13.53 26.76 26.74
CA LEU C 100 13.27 28.10 26.23
C LEU C 100 14.10 28.42 24.99
N THR C 101 15.39 28.11 25.02
CA THR C 101 16.32 28.49 23.96
C THR C 101 16.01 27.77 22.65
N VAL C 102 15.79 26.46 22.73
CA VAL C 102 15.50 25.66 21.54
C VAL C 102 14.20 26.07 20.87
N GLY C 103 13.16 26.23 21.68
CA GLY C 103 11.84 26.57 21.16
C GLY C 103 11.85 27.90 20.46
N ALA C 104 12.57 28.85 21.05
CA ALA C 104 12.73 30.17 20.49
C ALA C 104 13.54 30.11 19.19
N ALA C 105 14.64 29.34 19.17
CA ALA C 105 15.48 29.23 17.99
C ALA C 105 14.69 28.74 16.74
N THR C 106 13.80 27.78 16.95
CA THR C 106 13.05 27.12 15.89
C THR C 106 11.80 27.90 15.53
N GLY C 107 11.45 28.86 16.37
CA GLY C 107 10.28 29.69 16.15
C GLY C 107 9.01 29.10 16.74
N GLU C 108 9.13 28.02 17.52
CA GLU C 108 7.93 27.43 18.17
C GLU C 108 7.41 28.41 19.21
N ILE C 109 8.33 29.04 19.94
CA ILE C 109 8.00 30.03 20.95
C ILE C 109 8.35 31.39 20.40
N SER C 110 7.42 32.34 20.49
CA SER C 110 7.68 33.69 19.99
C SER C 110 8.66 34.44 20.89
N VAL C 111 9.31 35.43 20.29
CA VAL C 111 10.16 36.39 20.98
C VAL C 111 9.48 36.99 22.20
N SER C 112 8.21 37.36 22.09
CA SER C 112 7.50 37.95 23.23
C SER C 112 7.27 36.95 24.36
N SER C 113 7.08 35.70 24.00
CA SER C 113 6.86 34.69 25.01
C SER C 113 8.12 34.48 25.84
N VAL C 114 9.28 34.58 25.18
CA VAL C 114 10.58 34.45 25.82
C VAL C 114 10.85 35.61 26.74
N ALA C 115 10.59 36.80 26.25
CA ALA C 115 10.74 37.99 27.04
C ALA C 115 9.87 37.92 28.30
N ASP C 116 8.65 37.39 28.20
CA ASP C 116 7.80 37.30 29.38
C ASP C 116 8.35 36.26 30.36
N THR C 117 8.97 35.21 29.85
CA THR C 117 9.55 34.25 30.75
C THR C 117 10.71 34.91 31.51
N LEU C 118 11.48 35.74 30.83
CA LEU C 118 12.69 36.27 31.42
C LEU C 118 12.31 37.32 32.43
N ARG C 119 11.34 38.14 32.06
CA ARG C 119 10.75 39.12 32.97
C ARG C 119 10.11 38.50 34.24
N ARG C 120 9.50 37.33 34.10
CA ARG C 120 8.87 36.67 35.24
C ARG C 120 9.95 36.15 36.22
N LEU C 121 11.01 35.58 35.66
CA LEU C 121 12.09 35.00 36.46
C LEU C 121 12.96 36.06 37.09
N TYR C 122 13.32 37.08 36.35
CA TYR C 122 14.41 37.93 36.77
C TYR C 122 14.06 39.37 37.12
N GLY C 123 12.87 39.80 36.78
CA GLY C 123 12.43 41.16 37.04
C GLY C 123 11.82 41.39 38.40
N SER C 124 11.47 42.63 38.66
CA SER C 124 10.83 43.03 39.90
C SER C 124 9.88 44.10 39.51
N ALA C 125 8.60 43.95 39.78
CA ALA C 125 8.09 43.02 40.77
C ALA C 125 6.60 43.29 40.94
N MET D 1 20.82 51.84 27.72
CA MET D 1 20.90 50.43 27.44
C MET D 1 22.23 50.12 26.85
N ARG D 2 23.02 49.34 27.56
CA ARG D 2 24.28 48.90 27.06
C ARG D 2 24.16 47.64 26.24
N HIS D 3 24.70 47.65 25.04
CA HIS D 3 24.68 46.47 24.22
C HIS D 3 25.93 45.64 24.35
N ILE D 4 25.83 44.41 23.95
CA ILE D 4 26.94 43.48 23.94
C ILE D 4 27.88 43.83 22.78
N SER D 5 29.18 43.70 23.01
CA SER D 5 30.14 43.97 21.96
C SER D 5 30.40 42.71 21.12
N PRO D 6 30.77 42.87 19.83
CA PRO D 6 31.15 41.69 19.03
C PRO D 6 32.16 40.82 19.78
N GLU D 7 33.04 41.48 20.52
CA GLU D 7 34.20 40.85 21.14
C GLU D 7 33.73 39.92 22.26
N GLU D 8 32.72 40.38 22.99
CA GLU D 8 32.09 39.55 24.01
C GLU D 8 31.37 38.36 23.40
N LEU D 9 30.70 38.58 22.27
CA LEU D 9 29.98 37.50 21.60
C LEU D 9 30.92 36.41 21.11
N ILE D 10 32.02 36.80 20.50
CA ILE D 10 33.01 35.84 20.00
C ILE D 10 33.62 35.02 21.17
N ALA D 11 33.94 35.70 22.27
CA ALA D 11 34.45 35.01 23.46
C ALA D 11 33.46 34.00 23.99
N LEU D 12 32.18 34.38 24.15
CA LEU D 12 31.19 33.37 24.56
C LEU D 12 31.17 32.20 23.56
N HIS D 13 31.23 32.48 22.26
CA HIS D 13 31.09 31.41 21.29
C HIS D 13 32.26 30.41 21.36
N ASP D 14 33.49 30.93 21.44
CA ASP D 14 34.69 30.08 21.59
C ASP D 14 34.70 29.24 22.85
N ALA D 15 34.32 29.82 23.98
CA ALA D 15 34.21 29.09 25.23
C ALA D 15 33.28 27.88 25.07
N ASN D 16 32.12 28.09 24.48
CA ASN D 16 31.22 26.98 24.28
C ASN D 16 31.69 25.98 23.20
N ILE D 17 32.51 26.43 22.26
CA ILE D 17 33.10 25.54 21.26
C ILE D 17 34.16 24.63 21.90
N SER D 18 35.09 25.26 22.63
CA SER D 18 36.08 24.55 23.45
C SER D 18 35.39 23.58 24.43
N ARG D 19 34.42 24.06 25.19
CA ARG D 19 33.76 23.25 26.17
C ARG D 19 33.10 22.01 25.62
N TYR D 20 32.61 22.06 24.40
CA TYR D 20 31.90 20.91 23.86
C TYR D 20 32.63 20.21 22.70
N GLY D 21 31.87 19.51 21.87
CA GLY D 21 32.40 18.82 20.69
C GLY D 21 31.35 18.41 19.64
N MET D 26 33.49 26.88 14.08
CA MET D 26 33.11 28.22 13.69
C MET D 26 33.50 29.50 14.37
N SER D 27 34.20 30.37 13.66
CA SER D 27 35.24 31.32 14.04
C SER D 27 35.26 32.74 13.52
N ASP D 28 34.80 32.91 12.30
CA ASP D 28 34.60 34.22 11.68
C ASP D 28 34.10 35.31 12.63
N PRO D 29 34.76 36.48 12.73
CA PRO D 29 34.27 37.50 13.63
C PRO D 29 33.13 38.25 13.03
N GLY D 30 32.81 37.96 11.78
CA GLY D 30 31.77 38.68 11.09
C GLY D 30 30.37 38.20 11.38
N ARG D 31 30.25 36.93 11.72
CA ARG D 31 29.00 36.39 12.29
C ARG D 31 28.55 37.20 13.51
N ALA D 32 29.50 37.49 14.41
CA ALA D 32 29.22 38.27 15.63
C ALA D 32 28.63 39.66 15.34
N GLU D 33 29.36 40.44 14.53
CA GLU D 33 28.92 41.76 14.10
C GLU D 33 27.51 41.75 13.49
N ALA D 34 27.22 40.76 12.65
CA ALA D 34 25.93 40.64 11.98
C ALA D 34 24.81 40.41 13.00
N ILE D 35 25.03 39.47 13.92
CA ILE D 35 24.10 39.20 15.01
C ILE D 35 23.79 40.50 15.79
N ILE D 36 24.82 41.16 16.25
CA ILE D 36 24.66 42.37 17.05
C ILE D 36 23.95 43.50 16.29
N GLY D 37 24.38 43.68 15.03
CA GLY D 37 23.71 44.56 14.08
C GLY D 37 22.24 44.26 13.90
N ARG D 38 21.88 42.99 13.69
CA ARG D 38 20.47 42.57 13.62
C ARG D 38 19.65 42.96 14.85
N VAL D 39 20.21 42.77 16.05
CA VAL D 39 19.50 43.11 17.26
C VAL D 39 19.23 44.62 17.35
N GLN D 40 20.27 45.40 17.08
CA GLN D 40 20.24 46.86 17.15
C GLN D 40 19.26 47.47 16.15
N ALA D 41 19.24 46.91 14.94
CA ALA D 41 18.29 47.29 13.91
C ALA D 41 16.88 46.97 14.39
N ARG D 42 16.67 45.74 14.89
CA ARG D 42 15.37 45.36 15.42
C ARG D 42 14.90 46.26 16.57
N VAL D 43 15.83 46.62 17.48
CA VAL D 43 15.56 47.55 18.60
C VAL D 43 15.24 48.96 18.15
N ALA D 44 16.02 49.47 17.20
CA ALA D 44 15.75 50.76 16.54
C ALA D 44 14.36 50.80 15.83
N TYR D 45 14.14 49.85 14.92
CA TYR D 45 12.91 49.77 14.08
C TYR D 45 11.60 49.77 14.85
N GLU D 46 11.47 48.89 15.83
CA GLU D 46 10.34 48.94 16.76
C GLU D 46 10.80 49.88 17.87
N GLU D 47 9.99 50.07 18.89
CA GLU D 47 10.38 51.06 19.89
C GLU D 47 10.98 50.39 21.11
N ILE D 48 11.70 49.28 20.91
CA ILE D 48 12.01 48.40 22.04
C ILE D 48 12.80 49.10 23.14
N THR D 49 12.14 49.30 24.26
CA THR D 49 12.71 49.92 25.46
C THR D 49 12.88 48.90 26.58
N ASP D 50 12.07 47.82 26.50
CA ASP D 50 12.04 46.82 27.55
C ASP D 50 13.26 45.86 27.46
N LEU D 51 14.06 45.85 28.53
CA LEU D 51 15.25 45.04 28.65
C LEU D 51 15.03 43.56 28.34
N PHE D 52 13.88 43.04 28.73
CA PHE D 52 13.58 41.64 28.48
C PHE D 52 13.23 41.28 27.05
N GLU D 53 12.51 42.17 26.37
CA GLU D 53 12.28 42.08 24.94
C GLU D 53 13.62 42.11 24.20
N VAL D 54 14.50 43.05 24.55
CA VAL D 54 15.85 43.10 23.96
C VAL D 54 16.65 41.79 24.21
N SER D 55 16.67 41.35 25.46
CA SER D 55 17.36 40.11 25.83
C SER D 55 16.83 38.95 24.99
N ALA D 56 15.53 38.96 24.71
CA ALA D 56 14.92 37.86 23.97
C ALA D 56 15.36 37.90 22.51
N THR D 57 15.54 39.12 21.99
CA THR D 57 16.03 39.35 20.64
C THR D 57 17.43 38.78 20.48
N TYR D 58 18.27 39.02 21.48
CA TYR D 58 19.60 38.48 21.50
C TYR D 58 19.54 36.97 21.44
N LEU D 59 18.62 36.37 22.20
CA LEU D 59 18.62 34.93 22.31
C LEU D 59 18.31 34.30 20.94
N VAL D 60 17.29 34.83 20.27
CA VAL D 60 16.91 34.38 18.94
C VAL D 60 17.99 34.71 17.92
N ALA D 61 18.46 35.95 17.90
CA ALA D 61 19.45 36.37 16.91
C ALA D 61 20.76 35.59 17.06
N THR D 62 21.17 35.30 18.29
CA THR D 62 22.41 34.56 18.51
C THR D 62 22.28 33.10 18.04
N ALA D 63 21.18 32.45 18.40
CA ALA D 63 20.96 31.08 17.99
C ALA D 63 20.93 30.91 16.45
N ARG D 64 20.18 31.78 15.77
CA ARG D 64 19.99 31.71 14.28
C ARG D 64 21.28 32.03 13.59
N GLY D 65 22.09 32.83 14.27
CA GLY D 65 23.43 32.34 14.58
C GLY D 65 24.50 32.70 13.64
N TYR D 66 25.61 31.97 13.65
CA TYR D 66 25.86 30.70 14.44
C TYR D 66 25.34 29.36 13.94
N ILE D 67 24.54 29.36 12.90
CA ILE D 67 24.31 28.12 12.17
C ILE D 67 25.40 27.90 11.09
N PHE D 68 26.16 26.83 11.26
CA PHE D 68 27.27 26.51 10.34
C PHE D 68 27.02 25.19 9.58
N ASN D 69 27.77 25.00 8.49
CA ASN D 69 27.78 23.73 7.82
C ASN D 69 28.46 22.65 8.66
N ASP D 70 27.64 22.01 9.48
CA ASP D 70 27.97 21.03 10.49
C ASP D 70 27.72 19.63 9.96
N ALA D 71 28.22 18.64 10.69
CA ALA D 71 27.68 17.27 10.67
C ALA D 71 26.17 17.29 10.88
N ASN D 72 25.74 18.13 11.83
CA ASN D 72 24.32 18.35 12.11
C ASN D 72 23.52 18.80 10.91
N LYS D 73 23.94 19.90 10.27
CA LYS D 73 23.19 20.46 9.16
C LYS D 73 23.22 19.48 8.00
N ARG D 74 24.35 18.78 7.85
CA ARG D 74 24.53 17.75 6.82
C ARG D 74 23.57 16.59 7.03
N THR D 75 23.44 16.15 8.28
CA THR D 75 22.48 15.11 8.61
C THR D 75 21.06 15.51 8.25
N ALA D 76 20.67 16.74 8.59
CA ALA D 76 19.31 17.19 8.33
C ALA D 76 19.00 17.16 6.84
N LEU D 77 19.85 17.84 6.07
CA LEU D 77 19.75 17.84 4.62
C LEU D 77 19.67 16.43 3.98
N ASN D 78 20.65 15.60 4.28
CA ASN D 78 20.73 14.27 3.69
C ASN D 78 19.54 13.38 4.03
N SER D 79 18.98 13.52 5.23
CA SER D 79 17.86 12.70 5.63
C SER D 79 16.69 12.93 4.66
N ALA D 80 16.46 14.18 4.26
CA ALA D 80 15.42 14.49 3.29
C ALA D 80 15.74 13.87 1.92
N LEU D 81 17.01 13.95 1.52
CA LEU D 81 17.49 13.47 0.25
C LEU D 81 17.58 11.94 0.20
N LEU D 82 18.00 11.33 1.30
CA LEU D 82 18.01 9.88 1.38
C LEU D 82 16.60 9.35 1.22
N PHE D 83 15.64 9.99 1.89
CA PHE D 83 14.28 9.53 1.84
C PHE D 83 13.77 9.53 0.42
N LEU D 84 14.00 10.65 -0.27
CA LEU D 84 13.55 10.84 -1.65
C LEU D 84 14.11 9.80 -2.60
N ARG D 85 15.43 9.62 -2.60
CA ARG D 85 16.02 8.70 -3.55
C ARG D 85 15.63 7.25 -3.26
N ARG D 86 15.40 6.92 -2.00
CA ARG D 86 14.89 5.59 -1.68
C ARG D 86 13.42 5.40 -2.11
N ASN D 87 12.72 6.48 -2.45
CA ASN D 87 11.36 6.40 -2.98
C ASN D 87 11.27 6.77 -4.49
N GLY D 88 12.37 6.59 -5.20
CA GLY D 88 12.36 6.70 -6.66
C GLY D 88 12.62 8.08 -7.26
N VAL D 89 13.02 9.04 -6.43
CA VAL D 89 13.32 10.36 -6.98
C VAL D 89 14.83 10.53 -7.18
N GLN D 90 15.23 10.93 -8.38
CA GLN D 90 16.62 11.30 -8.64
C GLN D 90 16.90 12.63 -7.96
N VAL D 91 18.05 12.71 -7.31
CA VAL D 91 18.40 13.86 -6.53
C VAL D 91 19.76 14.37 -6.99
N PHE D 92 20.05 15.63 -6.72
CA PHE D 92 21.35 16.22 -7.05
C PHE D 92 21.60 17.34 -6.06
N ASP D 93 22.82 17.87 -6.04
CA ASP D 93 23.17 18.91 -5.10
C ASP D 93 22.88 20.24 -5.73
N SER D 94 22.23 21.10 -4.97
CA SER D 94 21.85 22.40 -5.45
C SER D 94 22.32 23.39 -4.41
N PRO D 95 22.84 24.54 -4.83
CA PRO D 95 23.30 25.55 -3.88
C PRO D 95 22.17 25.95 -2.93
N GLU D 96 20.93 25.84 -3.42
CA GLU D 96 19.71 26.26 -2.71
C GLU D 96 19.46 25.54 -1.39
N LEU D 97 19.86 24.29 -1.37
CA LEU D 97 19.55 23.41 -0.27
C LEU D 97 20.16 23.91 1.05
N ALA D 98 21.30 24.61 0.94
CA ALA D 98 22.02 25.11 2.10
C ALA D 98 21.20 26.16 2.85
N ASP D 99 20.63 27.10 2.11
CA ASP D 99 19.83 28.17 2.65
C ASP D 99 18.47 27.61 3.06
N LEU D 100 17.99 26.63 2.34
CA LEU D 100 16.76 25.91 2.69
C LEU D 100 16.79 25.23 4.07
N THR D 101 17.87 24.50 4.34
CA THR D 101 18.04 23.80 5.58
C THR D 101 18.09 24.79 6.78
N VAL D 102 18.77 25.93 6.61
CA VAL D 102 18.76 27.01 7.64
C VAL D 102 17.34 27.46 7.93
N GLY D 103 16.62 27.88 6.88
CA GLY D 103 15.23 28.35 7.01
C GLY D 103 14.23 27.33 7.56
N ALA D 104 14.49 26.05 7.30
CA ALA D 104 13.66 25.00 7.84
C ALA D 104 13.88 24.91 9.36
N ALA D 105 15.14 25.00 9.79
CA ALA D 105 15.51 24.95 11.22
C ALA D 105 14.96 26.10 12.06
N THR D 106 14.91 27.30 11.51
CA THR D 106 14.55 28.49 12.29
C THR D 106 13.07 28.83 12.23
N GLY D 107 12.30 28.12 11.40
CA GLY D 107 10.91 28.50 11.17
C GLY D 107 10.67 29.64 10.17
N GLU D 108 11.72 30.13 9.52
CA GLU D 108 11.54 31.15 8.46
C GLU D 108 10.87 30.57 7.24
N ILE D 109 11.08 29.28 6.98
CA ILE D 109 10.49 28.63 5.84
C ILE D 109 9.64 27.50 6.40
N SER D 110 8.33 27.57 6.18
CA SER D 110 7.41 26.54 6.64
C SER D 110 7.62 25.22 5.88
N VAL D 111 7.02 24.13 6.36
CA VAL D 111 7.13 22.86 5.64
C VAL D 111 6.64 22.96 4.20
N SER D 112 5.54 23.67 3.99
CA SER D 112 4.98 23.78 2.66
C SER D 112 5.97 24.36 1.65
N SER D 113 6.60 25.48 1.98
CA SER D 113 7.62 26.07 1.11
C SER D 113 8.79 25.12 0.89
N VAL D 114 9.27 24.48 1.97
CA VAL D 114 10.33 23.48 1.83
C VAL D 114 9.90 22.45 0.77
N ALA D 115 8.70 21.91 0.95
CA ALA D 115 8.14 20.94 0.02
C ALA D 115 8.11 21.50 -1.41
N ASP D 116 7.59 22.72 -1.55
CA ASP D 116 7.56 23.30 -2.86
C ASP D 116 8.95 23.53 -3.48
N THR D 117 9.95 23.85 -2.67
CA THR D 117 11.32 23.95 -3.19
C THR D 117 11.86 22.56 -3.63
N LEU D 118 11.59 21.53 -2.85
CA LEU D 118 12.07 20.20 -3.23
C LEU D 118 11.43 19.75 -4.54
N ARG D 119 10.13 20.02 -4.66
CA ARG D 119 9.36 19.74 -5.86
C ARG D 119 9.86 20.52 -7.10
N ARG D 120 10.17 21.79 -6.93
CA ARG D 120 10.73 22.56 -8.02
C ARG D 120 12.08 21.95 -8.44
N LEU D 121 12.94 21.65 -7.45
CA LEU D 121 14.26 21.08 -7.75
C LEU D 121 14.21 19.71 -8.45
N TYR D 122 13.43 18.82 -7.87
CA TYR D 122 13.29 17.45 -8.30
C TYR D 122 11.87 17.19 -8.77
N GLY D 123 11.64 16.12 -9.49
CA GLY D 123 10.28 15.77 -9.91
C GLY D 123 9.68 16.18 -11.25
N SER D 124 8.62 15.46 -11.64
CA SER D 124 7.91 15.67 -12.92
C SER D 124 6.42 16.02 -13.29
N ALA D 125 5.47 15.09 -13.31
CA ALA D 125 4.10 15.50 -13.69
C ALA D 125 3.24 16.33 -12.72
N ASP D 126 2.58 17.40 -13.19
CA ASP D 126 1.70 18.20 -12.31
C ASP D 126 0.26 18.35 -12.80
N MET E 1 -0.90 -11.75 -45.30
CA MET E 1 0.03 -12.80 -44.79
C MET E 1 -0.63 -13.64 -43.69
N ARG E 2 -0.22 -14.88 -43.57
CA ARG E 2 -0.74 -15.74 -42.54
C ARG E 2 0.00 -15.57 -41.20
N HIS E 3 -0.72 -15.21 -40.17
CA HIS E 3 -0.15 -15.05 -38.85
C HIS E 3 -0.35 -16.29 -38.02
N ILE E 4 0.53 -16.49 -37.04
CA ILE E 4 0.45 -17.59 -36.07
C ILE E 4 -0.83 -17.39 -35.23
N SER E 5 -1.47 -18.47 -34.83
CA SER E 5 -2.61 -18.35 -33.93
C SER E 5 -2.14 -18.59 -32.50
N PRO E 6 -2.86 -18.07 -31.53
CA PRO E 6 -2.44 -18.28 -30.16
C PRO E 6 -2.40 -19.75 -29.86
N GLU E 7 -3.21 -20.52 -30.55
CA GLU E 7 -3.28 -21.92 -30.27
C GLU E 7 -1.96 -22.60 -30.64
N GLU E 8 -1.29 -22.10 -31.66
CA GLU E 8 -0.07 -22.71 -32.15
C GLU E 8 1.14 -22.40 -31.28
N LEU E 9 1.20 -21.17 -30.80
CA LEU E 9 2.24 -20.68 -29.92
C LEU E 9 2.27 -21.41 -28.59
N ILE E 10 1.10 -21.71 -28.03
CA ILE E 10 1.01 -22.46 -26.78
C ILE E 10 1.50 -23.87 -26.94
N ALA E 11 1.17 -24.47 -28.08
CA ALA E 11 1.62 -25.82 -28.39
C ALA E 11 3.13 -25.83 -28.62
N LEU E 12 3.67 -24.72 -29.13
CA LEU E 12 5.11 -24.56 -29.25
C LEU E 12 5.71 -24.44 -27.86
N HIS E 13 5.24 -23.46 -27.09
CA HIS E 13 5.72 -23.24 -25.72
C HIS E 13 5.64 -24.50 -24.86
N ASP E 14 4.44 -25.09 -24.75
CA ASP E 14 4.24 -26.35 -24.03
C ASP E 14 5.22 -27.46 -24.48
N ALA E 15 5.38 -27.67 -25.78
CA ALA E 15 6.27 -28.71 -26.23
C ALA E 15 7.68 -28.53 -25.73
N ASN E 16 8.14 -27.30 -25.69
CA ASN E 16 9.53 -27.03 -25.33
C ASN E 16 9.77 -26.96 -23.82
N ILE E 17 8.67 -26.97 -23.08
CA ILE E 17 8.68 -27.23 -21.68
C ILE E 17 8.75 -28.75 -21.58
N SER E 18 9.94 -29.27 -21.33
CA SER E 18 10.17 -30.70 -21.32
C SER E 18 11.34 -31.11 -22.22
N GLY E 30 -2.05 -17.13 -17.72
CA GLY E 30 -0.93 -16.63 -18.51
C GLY E 30 -1.15 -16.80 -20.00
N ARG E 31 -0.62 -15.86 -20.78
CA ARG E 31 -0.81 -15.85 -22.22
C ARG E 31 0.37 -15.38 -23.07
N ALA E 32 0.40 -15.98 -24.25
CA ALA E 32 0.94 -15.36 -25.44
C ALA E 32 -0.21 -15.20 -26.43
N GLU E 33 -1.10 -14.26 -26.13
CA GLU E 33 -2.09 -13.78 -27.07
C GLU E 33 -1.73 -12.30 -27.20
N ALA E 34 -1.10 -11.78 -26.15
CA ALA E 34 -0.49 -10.46 -26.16
C ALA E 34 0.73 -10.38 -27.09
N ILE E 35 1.52 -11.47 -27.17
CA ILE E 35 2.68 -11.41 -28.07
C ILE E 35 2.20 -11.31 -29.52
N ILE E 36 1.24 -12.16 -29.89
CA ILE E 36 0.64 -12.07 -31.21
C ILE E 36 0.08 -10.67 -31.44
N GLY E 37 -0.70 -10.20 -30.46
CA GLY E 37 -1.17 -8.82 -30.40
C GLY E 37 -0.05 -7.83 -30.66
N ARG E 38 1.00 -7.91 -29.85
CA ARG E 38 2.15 -7.00 -29.97
C ARG E 38 2.78 -7.06 -31.36
N VAL E 39 2.89 -8.26 -31.95
CA VAL E 39 3.47 -8.38 -33.29
C VAL E 39 2.54 -7.75 -34.33
N GLN E 40 1.27 -8.14 -34.30
CA GLN E 40 0.32 -7.70 -35.32
C GLN E 40 0.24 -6.18 -35.36
N ALA E 41 0.33 -5.58 -34.18
CA ALA E 41 0.24 -4.15 -34.03
C ALA E 41 1.51 -3.43 -34.49
N ARG E 42 2.64 -4.11 -34.48
CA ARG E 42 3.87 -3.51 -34.98
C ARG E 42 3.95 -3.53 -36.50
N VAL E 43 3.43 -4.59 -37.13
CA VAL E 43 3.40 -4.63 -38.61
C VAL E 43 2.30 -3.72 -39.12
N ALA E 44 1.32 -3.44 -38.25
CA ALA E 44 0.25 -2.49 -38.55
C ALA E 44 0.82 -1.08 -38.49
N TYR E 45 1.49 -0.76 -37.38
CA TYR E 45 2.14 0.54 -37.15
C TYR E 45 3.22 0.88 -38.19
N GLU E 46 4.20 -0.01 -38.36
CA GLU E 46 5.35 0.28 -39.22
C GLU E 46 5.12 -0.07 -40.68
N GLU E 47 3.92 -0.56 -40.99
CA GLU E 47 3.52 -0.88 -42.37
C GLU E 47 4.48 -1.90 -42.98
N ILE E 48 4.57 -3.05 -42.32
CA ILE E 48 5.57 -4.05 -42.66
C ILE E 48 4.99 -5.10 -43.60
N THR E 49 5.63 -5.24 -44.77
CA THR E 49 5.26 -6.24 -45.75
C THR E 49 6.26 -7.38 -45.85
N ASP E 50 7.51 -7.10 -45.46
CA ASP E 50 8.62 -8.03 -45.67
C ASP E 50 8.49 -9.16 -44.64
N LEU E 51 8.34 -10.38 -45.16
CA LEU E 51 8.08 -11.59 -44.38
C LEU E 51 9.16 -11.84 -43.36
N PHE E 52 10.40 -11.59 -43.72
CA PHE E 52 11.51 -11.78 -42.82
C PHE E 52 11.55 -10.78 -41.69
N GLU E 53 11.05 -9.59 -41.97
CA GLU E 53 10.94 -8.54 -40.96
C GLU E 53 9.92 -8.99 -39.91
N VAL E 54 8.77 -9.48 -40.38
CA VAL E 54 7.71 -10.03 -39.49
C VAL E 54 8.18 -11.29 -38.74
N SER E 55 8.97 -12.12 -39.39
CA SER E 55 9.50 -13.29 -38.76
C SER E 55 10.40 -12.87 -37.59
N ALA E 56 11.29 -11.91 -37.85
CA ALA E 56 12.17 -11.37 -36.83
C ALA E 56 11.42 -10.76 -35.65
N THR E 57 10.24 -10.20 -35.91
CA THR E 57 9.42 -9.57 -34.88
C THR E 57 8.78 -10.65 -34.03
N TYR E 58 8.37 -11.74 -34.65
CA TYR E 58 7.92 -12.88 -33.87
C TYR E 58 9.04 -13.34 -32.97
N LEU E 59 10.26 -13.42 -33.52
CA LEU E 59 11.33 -14.02 -32.78
C LEU E 59 11.59 -13.21 -31.50
N VAL E 60 11.74 -11.90 -31.66
CA VAL E 60 11.99 -10.96 -30.56
C VAL E 60 10.81 -10.90 -29.59
N ALA E 61 9.61 -10.78 -30.13
CA ALA E 61 8.44 -10.61 -29.27
C ALA E 61 8.09 -11.87 -28.50
N THR E 62 8.38 -13.03 -29.07
CA THR E 62 8.12 -14.30 -28.40
C THR E 62 9.08 -14.47 -27.24
N ALA E 63 10.36 -14.18 -27.43
CA ALA E 63 11.28 -14.36 -26.32
C ALA E 63 11.03 -13.37 -25.14
N ARG E 64 10.51 -12.19 -25.45
CA ARG E 64 10.43 -11.08 -24.49
C ARG E 64 9.30 -10.85 -23.47
N GLY E 65 8.09 -11.39 -23.59
CA GLY E 65 7.61 -12.39 -24.51
C GLY E 65 7.13 -13.41 -23.50
N TYR E 66 7.94 -14.46 -23.32
CA TYR E 66 7.70 -15.42 -22.26
C TYR E 66 8.63 -15.15 -21.08
N ILE E 67 8.71 -13.90 -20.66
CA ILE E 67 9.39 -13.53 -19.43
C ILE E 67 8.37 -13.57 -18.29
N PHE E 68 8.65 -14.41 -17.30
CA PHE E 68 7.71 -14.66 -16.24
C PHE E 68 8.34 -14.23 -14.91
N ASN E 69 7.49 -13.84 -13.96
CA ASN E 69 7.94 -13.62 -12.59
C ASN E 69 8.13 -14.96 -11.86
N ASP E 70 9.21 -15.66 -12.22
CA ASP E 70 9.53 -17.01 -11.74
C ASP E 70 10.94 -17.07 -11.15
N ALA E 71 11.45 -18.29 -10.99
CA ALA E 71 12.80 -18.56 -10.47
C ALA E 71 13.90 -17.82 -11.23
N ASN E 72 13.88 -17.94 -12.55
CA ASN E 72 14.95 -17.38 -13.38
C ASN E 72 15.13 -15.87 -13.20
N LYS E 73 14.01 -15.15 -13.19
CA LYS E 73 14.01 -13.72 -13.01
C LYS E 73 14.50 -13.39 -11.61
N ARG E 74 13.92 -14.03 -10.60
CA ARG E 74 14.33 -13.82 -9.21
C ARG E 74 15.84 -14.09 -8.98
N THR E 75 16.40 -15.10 -9.68
CA THR E 75 17.85 -15.40 -9.62
C THR E 75 18.71 -14.24 -10.16
N ALA E 76 18.34 -13.73 -11.31
CA ALA E 76 19.05 -12.60 -11.88
C ALA E 76 19.12 -11.48 -10.85
N LEU E 77 18.00 -11.18 -10.22
CA LEU E 77 17.93 -10.06 -9.32
C LEU E 77 18.68 -10.35 -8.05
N ASN E 78 18.41 -11.51 -7.45
CA ASN E 78 19.14 -11.94 -6.27
C ASN E 78 20.66 -11.98 -6.41
N SER E 79 21.16 -12.34 -7.58
CA SER E 79 22.61 -12.44 -7.72
C SER E 79 23.26 -11.04 -7.57
N ALA E 80 22.57 -9.99 -7.98
CA ALA E 80 23.07 -8.62 -7.90
C ALA E 80 23.01 -8.09 -6.47
N LEU E 81 21.95 -8.46 -5.77
CA LEU E 81 21.73 -8.08 -4.40
C LEU E 81 22.66 -8.87 -3.46
N LEU E 82 22.89 -10.15 -3.78
CA LEU E 82 23.79 -11.00 -3.00
C LEU E 82 25.21 -10.45 -3.12
N PHE E 83 25.59 -10.07 -4.33
CA PHE E 83 26.84 -9.38 -4.50
C PHE E 83 26.98 -8.18 -3.58
N LEU E 84 26.00 -7.28 -3.63
CA LEU E 84 26.01 -6.09 -2.77
C LEU E 84 26.14 -6.41 -1.26
N ARG E 85 25.26 -7.28 -0.76
CA ARG E 85 25.33 -7.76 0.62
C ARG E 85 26.70 -8.27 0.99
N ARG E 86 27.36 -8.99 0.09
CA ARG E 86 28.63 -9.62 0.39
C ARG E 86 29.73 -8.56 0.53
N ASN E 87 29.46 -7.39 -0.02
CA ASN E 87 30.35 -6.26 0.06
C ASN E 87 29.82 -5.19 0.99
N GLY E 88 28.99 -5.62 1.95
CA GLY E 88 28.54 -4.79 3.09
C GLY E 88 27.50 -3.71 2.81
N VAL E 89 26.88 -3.75 1.63
CA VAL E 89 25.84 -2.79 1.31
C VAL E 89 24.50 -3.24 1.89
N GLN E 90 23.83 -2.35 2.59
CA GLN E 90 22.49 -2.64 3.05
C GLN E 90 21.58 -2.69 1.84
N VAL E 91 20.83 -3.76 1.73
CA VAL E 91 19.94 -3.92 0.60
C VAL E 91 18.55 -4.07 1.16
N PHE E 92 17.54 -3.75 0.37
CA PHE E 92 16.15 -3.95 0.77
C PHE E 92 15.35 -4.12 -0.52
N ASP E 93 14.18 -4.75 -0.43
CA ASP E 93 13.29 -4.92 -1.57
C ASP E 93 12.72 -3.56 -1.97
N SER E 94 12.66 -3.30 -3.28
CA SER E 94 12.11 -2.05 -3.79
C SER E 94 11.12 -2.35 -4.94
N PRO E 95 10.03 -1.57 -5.03
CA PRO E 95 9.08 -1.78 -6.15
C PRO E 95 9.73 -1.72 -7.54
N GLU E 96 10.78 -0.90 -7.68
CA GLU E 96 11.45 -0.64 -8.95
C GLU E 96 12.25 -1.84 -9.51
N LEU E 97 12.51 -2.83 -8.65
CA LEU E 97 13.43 -3.91 -8.99
C LEU E 97 12.93 -4.88 -10.07
N ALA E 98 11.61 -5.05 -10.12
CA ALA E 98 10.98 -6.04 -11.01
C ALA E 98 11.19 -5.64 -12.47
N ASP E 99 10.84 -4.39 -12.76
CA ASP E 99 10.94 -3.82 -14.09
C ASP E 99 12.40 -3.64 -14.51
N LEU E 100 13.27 -3.45 -13.52
CA LEU E 100 14.70 -3.32 -13.73
C LEU E 100 15.31 -4.58 -14.37
N THR E 101 14.99 -5.75 -13.81
CA THR E 101 15.57 -7.01 -14.26
C THR E 101 15.21 -7.29 -15.72
N VAL E 102 13.93 -7.14 -16.05
CA VAL E 102 13.43 -7.39 -17.38
C VAL E 102 14.12 -6.45 -18.37
N GLY E 103 14.15 -5.16 -18.04
CA GLY E 103 14.77 -4.16 -18.91
C GLY E 103 16.25 -4.39 -19.12
N ALA E 104 16.92 -4.85 -18.07
CA ALA E 104 18.33 -5.21 -18.16
C ALA E 104 18.50 -6.39 -19.10
N ALA E 105 17.68 -7.43 -18.89
CA ALA E 105 17.75 -8.67 -19.67
C ALA E 105 17.55 -8.44 -21.17
N THR E 106 16.65 -7.53 -21.51
CA THR E 106 16.25 -7.27 -22.89
C THR E 106 17.01 -6.11 -23.53
N GLY E 107 17.96 -5.51 -22.81
CA GLY E 107 18.76 -4.39 -23.37
C GLY E 107 18.05 -3.03 -23.40
N GLU E 108 16.79 -2.99 -23.02
CA GLU E 108 15.99 -1.76 -22.98
C GLU E 108 16.51 -0.73 -21.95
N ILE E 109 17.06 -1.25 -20.85
CA ILE E 109 17.77 -0.48 -19.82
C ILE E 109 19.24 -0.87 -19.86
N SER E 110 20.12 0.08 -20.13
CA SER E 110 21.55 -0.22 -20.19
C SER E 110 22.17 -0.52 -18.80
N VAL E 111 23.33 -1.18 -18.83
CA VAL E 111 24.09 -1.55 -17.63
C VAL E 111 24.35 -0.31 -16.80
N SER E 112 24.49 0.80 -17.50
CA SER E 112 24.81 2.10 -16.93
C SER E 112 23.60 2.69 -16.19
N SER E 113 22.39 2.45 -16.69
CA SER E 113 21.19 2.88 -15.98
C SER E 113 20.82 1.89 -14.87
N VAL E 114 21.20 0.62 -15.04
CA VAL E 114 20.95 -0.30 -13.94
C VAL E 114 21.74 0.12 -12.69
N ALA E 115 23.01 0.51 -12.90
CA ALA E 115 23.94 0.84 -11.80
C ALA E 115 23.47 2.09 -11.06
N ASP E 116 23.02 3.08 -11.84
CA ASP E 116 22.49 4.32 -11.30
C ASP E 116 21.30 4.12 -10.37
N THR E 117 20.39 3.22 -10.75
CA THR E 117 19.24 2.90 -9.92
C THR E 117 19.64 2.19 -8.64
N LEU E 118 20.51 1.18 -8.71
CA LEU E 118 20.99 0.49 -7.49
C LEU E 118 21.73 1.46 -6.55
N ARG E 119 22.56 2.33 -7.15
CA ARG E 119 23.34 3.29 -6.37
C ARG E 119 22.41 4.31 -5.72
N ARG E 120 21.44 4.81 -6.48
CA ARG E 120 20.42 5.70 -5.93
C ARG E 120 19.63 5.05 -4.77
N LEU E 121 19.24 3.78 -4.94
CA LEU E 121 18.49 3.06 -3.91
C LEU E 121 19.33 2.70 -2.68
N TYR E 122 20.59 2.35 -2.92
CA TYR E 122 21.37 1.67 -1.90
C TYR E 122 22.64 2.40 -1.47
N GLY E 123 23.15 3.29 -2.32
CA GLY E 123 24.39 4.00 -1.99
C GLY E 123 24.26 5.04 -0.88
N SER E 124 25.34 5.77 -0.65
CA SER E 124 25.37 6.85 0.33
C SER E 124 24.92 8.16 -0.29
N MET F 1 37.13 -6.30 -3.49
CA MET F 1 35.68 -6.64 -3.48
C MET F 1 35.50 -8.16 -3.53
N ARG F 2 34.40 -8.66 -2.95
CA ARG F 2 34.10 -10.09 -2.95
C ARG F 2 33.11 -10.45 -4.08
N HIS F 3 33.47 -11.43 -4.90
CA HIS F 3 32.59 -11.90 -5.95
C HIS F 3 31.73 -13.03 -5.46
N ILE F 4 30.68 -13.32 -6.23
CA ILE F 4 29.90 -14.52 -6.05
C ILE F 4 30.69 -15.70 -6.61
N SER F 5 30.38 -16.88 -6.11
CA SER F 5 30.91 -18.12 -6.62
C SER F 5 29.80 -18.88 -7.34
N PRO F 6 30.17 -19.70 -8.35
CA PRO F 6 29.31 -20.66 -9.02
C PRO F 6 28.39 -21.47 -8.11
N GLU F 7 28.92 -21.95 -6.98
CA GLU F 7 28.14 -22.77 -6.04
C GLU F 7 27.05 -21.95 -5.38
N GLU F 8 27.38 -20.70 -5.04
CA GLU F 8 26.41 -19.79 -4.43
C GLU F 8 25.29 -19.45 -5.42
N LEU F 9 25.68 -19.30 -6.69
CA LEU F 9 24.73 -19.01 -7.76
C LEU F 9 23.79 -20.21 -8.05
N ILE F 10 24.33 -21.41 -8.20
CA ILE F 10 23.45 -22.57 -8.41
C ILE F 10 22.57 -22.79 -7.17
N ALA F 11 23.13 -22.49 -5.99
CA ALA F 11 22.39 -22.62 -4.74
C ALA F 11 21.20 -21.68 -4.61
N LEU F 12 21.37 -20.39 -4.96
CA LEU F 12 20.25 -19.45 -4.85
C LEU F 12 19.22 -19.67 -5.95
N HIS F 13 19.66 -20.29 -7.04
CA HIS F 13 18.75 -20.69 -8.09
C HIS F 13 17.78 -21.77 -7.58
N ASP F 14 18.31 -22.93 -7.14
CA ASP F 14 17.44 -23.87 -6.42
C ASP F 14 17.08 -23.32 -5.04
N ALA F 15 15.93 -22.64 -5.00
CA ALA F 15 15.35 -21.93 -3.85
C ALA F 15 14.44 -20.84 -4.41
N PRO F 29 24.53 -27.34 -15.50
CA PRO F 29 25.88 -26.93 -15.91
C PRO F 29 26.58 -26.05 -14.81
N GLY F 30 27.73 -25.41 -15.07
CA GLY F 30 28.31 -25.20 -16.39
C GLY F 30 27.98 -23.77 -16.76
N ARG F 31 26.69 -23.46 -16.77
CA ARG F 31 26.16 -22.12 -17.07
C ARG F 31 26.51 -21.11 -15.98
N ALA F 32 26.38 -21.53 -14.72
CA ALA F 32 26.72 -20.69 -13.57
C ALA F 32 28.20 -20.33 -13.60
N GLU F 33 29.01 -21.30 -13.99
CA GLU F 33 30.45 -21.14 -14.13
C GLU F 33 30.80 -20.08 -15.19
N ALA F 34 30.12 -20.16 -16.32
CA ALA F 34 30.39 -19.31 -17.47
C ALA F 34 29.97 -17.86 -17.19
N ILE F 35 28.79 -17.71 -16.58
CA ILE F 35 28.30 -16.41 -16.13
C ILE F 35 29.31 -15.65 -15.25
N ILE F 36 29.73 -16.28 -14.14
CA ILE F 36 30.68 -15.69 -13.17
C ILE F 36 31.97 -15.36 -13.88
N GLY F 37 32.40 -16.29 -14.74
CA GLY F 37 33.53 -16.09 -15.64
C GLY F 37 33.38 -14.80 -16.41
N ARG F 38 32.29 -14.66 -17.16
CA ARG F 38 32.06 -13.49 -18.00
C ARG F 38 32.13 -12.17 -17.21
N VAL F 39 31.55 -12.17 -16.02
CA VAL F 39 31.47 -10.98 -15.17
C VAL F 39 32.85 -10.55 -14.66
N GLN F 40 33.64 -11.51 -14.21
CA GLN F 40 34.94 -11.22 -13.62
C GLN F 40 35.87 -10.68 -14.70
N ALA F 41 35.87 -11.35 -15.84
CA ALA F 41 36.55 -10.88 -17.05
C ALA F 41 36.07 -9.49 -17.47
N ARG F 42 34.75 -9.27 -17.44
CA ARG F 42 34.18 -7.96 -17.77
C ARG F 42 34.80 -6.91 -16.84
N VAL F 43 34.76 -7.21 -15.53
CA VAL F 43 35.17 -6.28 -14.49
C VAL F 43 36.67 -5.90 -14.50
N ALA F 44 37.51 -6.90 -14.77
CA ALA F 44 38.96 -6.69 -14.86
C ALA F 44 39.33 -5.84 -16.08
N TYR F 45 38.92 -6.27 -17.27
CA TYR F 45 39.43 -5.61 -18.47
C TYR F 45 38.67 -4.34 -18.94
N GLU F 46 37.49 -4.10 -18.38
CA GLU F 46 36.82 -2.82 -18.57
C GLU F 46 37.12 -1.92 -17.36
N GLU F 47 38.03 -2.38 -16.51
CA GLU F 47 38.37 -1.71 -15.26
C GLU F 47 37.10 -1.18 -14.55
N ILE F 48 36.19 -2.09 -14.23
CA ILE F 48 34.96 -1.71 -13.54
C ILE F 48 35.26 -1.73 -12.04
N THR F 49 35.11 -0.57 -11.42
CA THR F 49 35.63 -0.30 -10.09
C THR F 49 34.46 -0.07 -9.12
N ASP F 50 33.40 0.57 -9.60
CA ASP F 50 32.23 0.91 -8.80
C ASP F 50 31.37 -0.31 -8.46
N LEU F 51 31.10 -0.51 -7.16
CA LEU F 51 30.32 -1.65 -6.66
C LEU F 51 28.94 -1.79 -7.33
N PHE F 52 28.30 -0.66 -7.59
CA PHE F 52 27.01 -0.67 -8.27
C PHE F 52 27.09 -1.03 -9.75
N GLU F 53 28.15 -0.60 -10.41
CA GLU F 53 28.45 -1.06 -11.75
C GLU F 53 28.71 -2.58 -11.79
N VAL F 54 29.48 -3.07 -10.84
CA VAL F 54 29.73 -4.51 -10.81
C VAL F 54 28.40 -5.19 -10.54
N SER F 55 27.65 -4.69 -9.57
CA SER F 55 26.38 -5.31 -9.26
C SER F 55 25.47 -5.35 -10.49
N ALA F 56 25.45 -4.27 -11.28
CA ALA F 56 24.61 -4.21 -12.47
C ALA F 56 25.05 -5.22 -13.50
N THR F 57 26.36 -5.49 -13.55
CA THR F 57 26.97 -6.44 -14.47
C THR F 57 26.55 -7.88 -14.17
N TYR F 58 26.47 -8.19 -12.88
CA TYR F 58 25.85 -9.42 -12.42
C TYR F 58 24.40 -9.53 -12.84
N LEU F 59 23.60 -8.48 -12.66
CA LEU F 59 22.17 -8.54 -12.99
C LEU F 59 22.02 -8.98 -14.46
N VAL F 60 22.68 -8.23 -15.34
CA VAL F 60 22.59 -8.42 -16.76
C VAL F 60 23.07 -9.80 -17.21
N ALA F 61 24.22 -10.25 -16.71
CA ALA F 61 24.79 -11.50 -17.18
C ALA F 61 23.96 -12.65 -16.71
N THR F 62 23.42 -12.53 -15.50
CA THR F 62 22.58 -13.55 -14.92
C THR F 62 21.21 -13.55 -15.61
N ALA F 63 20.67 -12.37 -15.87
CA ALA F 63 19.33 -12.23 -16.42
C ALA F 63 19.27 -12.87 -17.77
N ARG F 64 20.34 -12.66 -18.53
CA ARG F 64 20.48 -13.23 -19.87
C ARG F 64 20.78 -14.70 -19.79
N GLY F 65 21.64 -15.08 -18.86
CA GLY F 65 21.99 -16.48 -18.70
C GLY F 65 20.80 -17.32 -18.28
N TYR F 66 19.88 -16.74 -17.51
CA TYR F 66 18.79 -17.52 -16.89
C TYR F 66 17.39 -17.25 -17.45
N ILE F 67 17.08 -15.99 -17.78
CA ILE F 67 15.72 -15.69 -18.24
C ILE F 67 15.47 -16.29 -19.62
N PHE F 68 16.42 -16.09 -20.53
CA PHE F 68 16.35 -16.73 -21.84
C PHE F 68 16.95 -18.13 -21.79
N ASN F 69 16.28 -18.99 -21.04
CA ASN F 69 16.59 -20.40 -20.93
C ASN F 69 16.35 -21.11 -22.26
N ASP F 70 16.55 -22.43 -22.30
CA ASP F 70 16.44 -23.18 -23.55
C ASP F 70 15.01 -23.40 -24.03
N ALA F 71 14.06 -23.40 -23.09
CA ALA F 71 12.65 -23.43 -23.45
C ALA F 71 12.31 -22.13 -24.16
N ASN F 72 12.54 -21.02 -23.47
CA ASN F 72 12.29 -19.69 -24.03
C ASN F 72 12.93 -19.50 -25.44
N LYS F 73 14.17 -19.95 -25.61
CA LYS F 73 14.89 -19.78 -26.88
C LYS F 73 14.31 -20.62 -28.01
N ARG F 74 13.96 -21.88 -27.74
CA ARG F 74 13.48 -22.75 -28.80
C ARG F 74 12.05 -22.41 -29.19
N THR F 75 11.25 -21.97 -28.23
CA THR F 75 9.95 -21.44 -28.56
C THR F 75 10.07 -20.21 -29.45
N ALA F 76 10.97 -19.29 -29.06
CA ALA F 76 11.16 -18.06 -29.82
C ALA F 76 11.55 -18.36 -31.27
N LEU F 77 12.49 -19.30 -31.45
CA LEU F 77 13.03 -19.52 -32.77
C LEU F 77 11.92 -20.16 -33.62
N ASN F 78 11.24 -21.10 -33.03
CA ASN F 78 10.22 -21.85 -33.73
C ASN F 78 9.01 -21.01 -34.11
N SER F 79 8.70 -19.95 -33.38
CA SER F 79 7.56 -19.11 -33.76
C SER F 79 7.91 -18.39 -35.03
N ALA F 80 9.15 -17.90 -35.10
CA ALA F 80 9.66 -17.27 -36.32
C ALA F 80 9.61 -18.20 -37.55
N LEU F 81 10.03 -19.43 -37.35
CA LEU F 81 10.19 -20.41 -38.42
C LEU F 81 8.84 -20.95 -38.86
N LEU F 82 7.92 -21.06 -37.92
CA LEU F 82 6.58 -21.51 -38.18
C LEU F 82 5.84 -20.42 -38.94
N PHE F 83 6.07 -19.15 -38.58
CA PHE F 83 5.47 -18.08 -39.34
C PHE F 83 5.91 -18.16 -40.82
N LEU F 84 7.20 -18.40 -41.05
CA LEU F 84 7.76 -18.41 -42.40
C LEU F 84 7.17 -19.56 -43.21
N ARG F 85 7.01 -20.73 -42.59
CA ARG F 85 6.47 -21.87 -43.30
C ARG F 85 5.02 -21.68 -43.75
N ARG F 86 4.22 -21.06 -42.89
CA ARG F 86 2.80 -20.86 -43.16
C ARG F 86 2.64 -19.94 -44.35
N ASN F 87 3.71 -19.20 -44.66
CA ASN F 87 3.73 -18.26 -45.75
C ASN F 87 4.60 -18.78 -46.91
N GLY F 88 4.78 -20.10 -46.92
CA GLY F 88 5.45 -20.81 -48.02
C GLY F 88 6.94 -20.62 -48.23
N VAL F 89 7.68 -20.30 -47.18
CA VAL F 89 9.13 -20.22 -47.28
C VAL F 89 9.70 -21.46 -46.68
N GLN F 90 10.62 -22.09 -47.38
CA GLN F 90 11.24 -23.33 -46.92
C GLN F 90 12.31 -22.94 -45.95
N VAL F 91 12.36 -23.62 -44.81
CA VAL F 91 13.31 -23.32 -43.77
C VAL F 91 14.07 -24.60 -43.44
N PHE F 92 15.20 -24.45 -42.78
CA PHE F 92 16.08 -25.57 -42.47
C PHE F 92 16.99 -25.12 -41.34
N ASP F 93 17.51 -26.08 -40.58
CA ASP F 93 18.38 -25.80 -39.44
C ASP F 93 19.70 -25.24 -39.95
N SER F 94 20.19 -24.20 -39.30
CA SER F 94 21.48 -23.61 -39.62
C SER F 94 22.16 -23.30 -38.31
N PRO F 95 23.47 -23.58 -38.20
CA PRO F 95 24.17 -23.37 -36.93
C PRO F 95 24.01 -21.95 -36.39
N GLU F 96 23.81 -21.00 -37.29
CA GLU F 96 23.74 -19.59 -36.95
C GLU F 96 22.55 -19.24 -36.08
N LEU F 97 21.50 -20.05 -36.14
CA LEU F 97 20.23 -19.70 -35.47
C LEU F 97 20.26 -19.60 -33.94
N ALA F 98 21.01 -20.47 -33.27
CA ALA F 98 21.12 -20.43 -31.80
C ALA F 98 21.57 -19.07 -31.26
N ASP F 99 22.77 -18.63 -31.64
CA ASP F 99 23.29 -17.33 -31.20
C ASP F 99 22.40 -16.18 -31.64
N LEU F 100 21.80 -16.31 -32.81
CA LEU F 100 20.97 -15.27 -33.33
C LEU F 100 19.74 -15.03 -32.44
N THR F 101 19.23 -16.07 -31.80
CA THR F 101 18.03 -15.97 -31.00
C THR F 101 18.29 -15.24 -29.68
N VAL F 102 19.40 -15.57 -29.01
CA VAL F 102 19.70 -14.88 -27.77
C VAL F 102 20.16 -13.43 -27.99
N GLY F 103 20.90 -13.19 -29.08
CA GLY F 103 21.36 -11.85 -29.40
C GLY F 103 20.18 -10.91 -29.60
N ALA F 104 19.14 -11.43 -30.24
CA ALA F 104 17.98 -10.63 -30.57
C ALA F 104 17.11 -10.36 -29.33
N ALA F 105 16.96 -11.38 -28.48
CA ALA F 105 16.17 -11.31 -27.26
C ALA F 105 16.76 -10.28 -26.29
N THR F 106 18.10 -10.26 -26.21
CA THR F 106 18.82 -9.38 -25.31
C THR F 106 19.10 -7.99 -25.90
N GLY F 107 18.76 -7.79 -27.17
CA GLY F 107 18.97 -6.50 -27.83
C GLY F 107 20.36 -6.21 -28.36
N GLU F 108 21.23 -7.21 -28.29
CA GLU F 108 22.59 -7.12 -28.84
C GLU F 108 22.48 -7.06 -30.36
N ILE F 109 21.44 -7.68 -30.89
CA ILE F 109 21.21 -7.71 -32.32
C ILE F 109 19.86 -7.08 -32.59
N SER F 110 19.85 -6.13 -33.51
CA SER F 110 18.61 -5.46 -33.87
C SER F 110 17.71 -6.40 -34.68
N VAL F 111 16.40 -6.19 -34.56
CA VAL F 111 15.38 -6.92 -35.28
C VAL F 111 15.64 -6.93 -36.80
N SER F 112 16.14 -5.82 -37.35
CA SER F 112 16.42 -5.70 -38.79
C SER F 112 17.62 -6.54 -39.21
N SER F 113 18.54 -6.70 -38.26
CA SER F 113 19.71 -7.52 -38.46
C SER F 113 19.33 -9.01 -38.41
N VAL F 114 18.37 -9.34 -37.55
CA VAL F 114 17.81 -10.68 -37.50
C VAL F 114 17.13 -11.00 -38.83
N ALA F 115 16.24 -10.12 -39.28
CA ALA F 115 15.55 -10.30 -40.53
C ALA F 115 16.53 -10.47 -41.72
N ASP F 116 17.53 -9.59 -41.83
CA ASP F 116 18.59 -9.73 -42.81
C ASP F 116 19.21 -11.13 -42.80
N THR F 117 19.47 -11.68 -41.60
CA THR F 117 20.03 -13.00 -41.53
C THR F 117 19.08 -14.04 -42.09
N LEU F 118 17.81 -13.90 -41.79
CA LEU F 118 16.82 -14.89 -42.16
C LEU F 118 16.57 -14.86 -43.65
N ARG F 119 16.61 -13.65 -44.20
CA ARG F 119 16.36 -13.40 -45.60
C ARG F 119 17.52 -13.94 -46.42
N ARG F 120 18.72 -13.84 -45.87
CA ARG F 120 19.88 -14.38 -46.54
C ARG F 120 19.85 -15.92 -46.58
N LEU F 121 19.46 -16.52 -45.47
CA LEU F 121 19.33 -17.97 -45.41
C LEU F 121 18.20 -18.51 -46.29
N TYR F 122 17.06 -17.84 -46.29
CA TYR F 122 15.84 -18.49 -46.77
C TYR F 122 15.13 -17.77 -47.91
N GLY F 123 15.61 -16.60 -48.29
CA GLY F 123 15.04 -15.86 -49.42
C GLY F 123 15.44 -16.51 -50.73
N MET G 1 2.41 -17.60 2.97
CA MET G 1 1.14 -18.40 2.99
C MET G 1 1.41 -19.89 2.78
N ARG G 2 0.64 -20.71 3.49
CA ARG G 2 0.74 -22.16 3.38
C ARG G 2 -0.21 -22.72 2.29
N HIS G 3 0.26 -23.68 1.52
CA HIS G 3 -0.53 -24.23 0.42
C HIS G 3 -1.06 -25.63 0.73
N ILE G 4 -1.97 -26.10 -0.10
CA ILE G 4 -2.46 -27.46 0.01
C ILE G 4 -1.53 -28.28 -0.86
N SER G 5 -1.06 -29.40 -0.34
CA SER G 5 -0.21 -30.31 -1.12
C SER G 5 -1.06 -31.31 -1.91
N PRO G 6 -0.55 -31.78 -3.08
CA PRO G 6 -1.28 -32.81 -3.86
C PRO G 6 -1.79 -34.01 -3.04
N GLU G 7 -0.97 -34.52 -2.13
CA GLU G 7 -1.42 -35.64 -1.29
C GLU G 7 -2.67 -35.27 -0.47
N GLU G 8 -2.63 -34.10 0.17
CA GLU G 8 -3.77 -33.54 0.92
C GLU G 8 -5.03 -33.43 0.08
N LEU G 9 -4.87 -33.05 -1.19
CA LEU G 9 -6.01 -32.90 -2.10
C LEU G 9 -6.66 -34.24 -2.43
N ILE G 10 -5.83 -35.28 -2.60
CA ILE G 10 -6.30 -36.65 -2.86
C ILE G 10 -6.99 -37.18 -1.61
N ALA G 11 -6.42 -36.94 -0.45
CA ALA G 11 -7.04 -37.37 0.80
C ALA G 11 -8.44 -36.79 0.94
N LEU G 12 -8.58 -35.50 0.62
CA LEU G 12 -9.90 -34.84 0.62
C LEU G 12 -10.82 -35.51 -0.37
N HIS G 13 -10.34 -35.69 -1.60
CA HIS G 13 -11.15 -36.26 -2.65
C HIS G 13 -11.59 -37.66 -2.26
N ASP G 14 -10.63 -38.47 -1.84
CA ASP G 14 -10.85 -39.77 -1.21
C ASP G 14 -11.93 -39.68 -0.14
N ALA G 15 -11.77 -38.74 0.79
CA ALA G 15 -12.76 -38.54 1.86
C ALA G 15 -14.16 -38.24 1.33
N ASN G 16 -14.25 -37.44 0.27
CA ASN G 16 -15.56 -37.11 -0.28
C ASN G 16 -16.21 -38.27 -1.02
N ILE G 17 -15.40 -39.21 -1.51
CA ILE G 17 -15.88 -40.36 -2.33
C ILE G 17 -16.63 -41.44 -1.49
N SER G 18 -16.50 -41.34 -0.15
CA SER G 18 -17.35 -42.06 0.78
C SER G 18 -17.98 -41.12 1.81
N PRO G 29 -5.46 -39.56 -10.01
CA PRO G 29 -4.09 -40.06 -10.21
C PRO G 29 -2.95 -39.43 -9.33
N GLY G 30 -2.66 -38.12 -9.40
CA GLY G 30 -3.40 -37.10 -10.14
C GLY G 30 -2.59 -36.49 -11.28
N ARG G 31 -3.11 -35.46 -11.98
CA ARG G 31 -4.36 -34.70 -11.70
C ARG G 31 -4.24 -33.73 -10.53
N ALA G 32 -4.09 -34.27 -9.33
CA ALA G 32 -3.97 -33.46 -8.14
C ALA G 32 -2.67 -32.66 -8.20
N GLU G 33 -1.60 -33.31 -8.67
CA GLU G 33 -0.32 -32.63 -8.92
C GLU G 33 -0.54 -31.46 -9.89
N ALA G 34 -1.13 -31.75 -11.04
CA ALA G 34 -1.36 -30.77 -12.10
C ALA G 34 -2.20 -29.57 -11.61
N ILE G 35 -3.33 -29.88 -10.96
CA ILE G 35 -4.19 -28.88 -10.32
C ILE G 35 -3.39 -27.96 -9.41
N ILE G 36 -2.72 -28.54 -8.41
CA ILE G 36 -1.92 -27.77 -7.44
C ILE G 36 -0.88 -26.90 -8.17
N GLY G 37 -0.27 -27.51 -9.19
CA GLY G 37 0.74 -26.85 -10.02
C GLY G 37 0.14 -25.74 -10.87
N ARG G 38 -1.07 -25.95 -11.39
CA ARG G 38 -1.78 -24.90 -12.11
C ARG G 38 -2.09 -23.73 -11.15
N VAL G 39 -2.43 -24.06 -9.89
CA VAL G 39 -2.62 -23.04 -8.86
C VAL G 39 -1.28 -22.36 -8.50
N GLN G 40 -0.28 -23.17 -8.17
CA GLN G 40 1.01 -22.64 -7.68
C GLN G 40 1.71 -21.76 -8.70
N ALA G 41 1.47 -22.04 -9.99
CA ALA G 41 1.91 -21.22 -11.10
C ALA G 41 1.25 -19.83 -11.12
N ARG G 42 -0.08 -19.78 -11.03
CA ARG G 42 -0.81 -18.48 -11.10
C ARG G 42 -0.45 -17.54 -9.96
N VAL G 43 -0.34 -18.08 -8.74
CA VAL G 43 0.05 -17.28 -7.58
C VAL G 43 1.47 -16.71 -7.73
N ALA G 44 2.36 -17.47 -8.35
CA ALA G 44 3.75 -17.04 -8.59
C ALA G 44 3.82 -16.12 -9.79
N TYR G 45 3.15 -16.51 -10.87
CA TYR G 45 3.15 -15.78 -12.13
C TYR G 45 2.43 -14.43 -12.11
N GLU G 46 1.46 -14.28 -11.20
CA GLU G 46 0.56 -13.13 -11.22
C GLU G 46 0.69 -12.23 -9.98
N GLU G 47 1.62 -12.58 -9.09
CA GLU G 47 1.95 -11.77 -7.92
C GLU G 47 0.80 -11.75 -6.91
N ILE G 48 -0.08 -12.75 -7.01
CA ILE G 48 -1.26 -12.85 -6.17
C ILE G 48 -0.83 -13.02 -4.72
N THR G 49 -1.33 -12.14 -3.86
CA THR G 49 -0.88 -12.14 -2.49
C THR G 49 -2.03 -12.17 -1.51
N ASP G 50 -3.19 -11.68 -1.92
CA ASP G 50 -4.28 -11.68 -0.95
C ASP G 50 -4.96 -13.04 -0.91
N LEU G 51 -5.35 -13.43 0.30
CA LEU G 51 -5.79 -14.79 0.56
C LEU G 51 -7.06 -15.21 -0.16
N PHE G 52 -8.00 -14.28 -0.31
CA PHE G 52 -9.28 -14.58 -0.96
C PHE G 52 -9.12 -14.77 -2.49
N GLU G 53 -8.14 -14.10 -3.11
CA GLU G 53 -7.83 -14.35 -4.53
C GLU G 53 -7.17 -15.73 -4.73
N VAL G 54 -6.26 -16.12 -3.85
CA VAL G 54 -5.64 -17.44 -3.98
C VAL G 54 -6.69 -18.52 -3.68
N SER G 55 -7.50 -18.31 -2.65
CA SER G 55 -8.61 -19.21 -2.37
C SER G 55 -9.49 -19.41 -3.63
N ALA G 56 -9.83 -18.31 -4.30
CA ALA G 56 -10.61 -18.31 -5.52
C ALA G 56 -9.96 -19.16 -6.57
N THR G 57 -8.64 -19.06 -6.66
CA THR G 57 -7.87 -19.73 -7.71
C THR G 57 -7.94 -21.23 -7.45
N TYR G 58 -7.77 -21.63 -6.19
CA TYR G 58 -7.95 -23.06 -5.81
C TYR G 58 -9.33 -23.58 -6.20
N LEU G 59 -10.33 -22.75 -5.91
CA LEU G 59 -11.70 -23.08 -6.20
C LEU G 59 -11.88 -23.33 -7.69
N VAL G 60 -11.45 -22.37 -8.51
CA VAL G 60 -11.62 -22.43 -9.95
C VAL G 60 -10.84 -23.62 -10.50
N ALA G 61 -9.59 -23.81 -10.05
CA ALA G 61 -8.76 -24.90 -10.61
C ALA G 61 -9.27 -26.26 -10.20
N THR G 62 -9.66 -26.42 -8.94
CA THR G 62 -10.16 -27.70 -8.47
C THR G 62 -11.51 -28.02 -9.10
N ALA G 63 -12.38 -27.03 -9.23
CA ALA G 63 -13.68 -27.25 -9.89
C ALA G 63 -13.54 -27.62 -11.36
N ARG G 64 -12.61 -26.97 -12.06
CA ARG G 64 -12.40 -27.26 -13.47
C ARG G 64 -11.79 -28.64 -13.65
N GLY G 65 -10.99 -29.03 -12.69
CA GLY G 65 -10.29 -30.26 -12.85
C GLY G 65 -11.09 -31.45 -12.34
N TYR G 66 -12.08 -31.20 -11.50
CA TYR G 66 -12.85 -32.27 -10.92
C TYR G 66 -14.30 -32.33 -11.38
N ILE G 67 -14.99 -31.22 -11.34
CA ILE G 67 -16.43 -31.23 -11.49
C ILE G 67 -16.93 -31.83 -12.79
N PHE G 68 -16.25 -31.57 -13.88
CA PHE G 68 -16.71 -32.12 -15.13
C PHE G 68 -16.24 -33.55 -15.33
N ASN G 69 -16.94 -34.48 -14.67
CA ASN G 69 -16.61 -35.90 -14.67
C ASN G 69 -16.79 -36.55 -16.06
N ASP G 70 -16.13 -37.69 -16.28
CA ASP G 70 -16.22 -38.42 -17.55
C ASP G 70 -17.66 -38.67 -18.02
N ALA G 71 -18.60 -38.84 -17.09
CA ALA G 71 -20.00 -39.03 -17.41
C ALA G 71 -20.57 -37.71 -17.93
N ASN G 72 -20.28 -36.63 -17.23
CA ASN G 72 -20.70 -35.30 -17.65
C ASN G 72 -20.11 -34.95 -19.05
N LYS G 73 -18.80 -35.15 -19.24
CA LYS G 73 -18.15 -34.81 -20.54
C LYS G 73 -18.72 -35.63 -21.71
N ARG G 74 -18.93 -36.93 -21.51
CA ARG G 74 -19.46 -37.78 -22.57
C ARG G 74 -20.90 -37.43 -22.89
N THR G 75 -21.69 -37.02 -21.92
CA THR G 75 -23.09 -36.63 -22.14
C THR G 75 -23.16 -35.33 -22.95
N ALA G 76 -22.35 -34.36 -22.55
CA ALA G 76 -22.21 -33.09 -23.24
C ALA G 76 -21.87 -33.36 -24.72
N LEU G 77 -20.92 -34.26 -24.95
CA LEU G 77 -20.42 -34.42 -26.28
C LEU G 77 -21.40 -35.22 -27.10
N ASN G 78 -21.90 -36.30 -26.52
CA ASN G 78 -22.91 -37.06 -27.17
C ASN G 78 -24.13 -36.23 -27.59
N SER G 79 -24.52 -35.20 -26.81
CA SER G 79 -25.72 -34.40 -27.16
C SER G 79 -25.46 -33.52 -28.38
N ALA G 80 -24.29 -32.89 -28.43
CA ALA G 80 -23.86 -32.14 -29.61
C ALA G 80 -23.80 -33.02 -30.91
N LEU G 81 -23.28 -34.22 -30.81
CA LEU G 81 -23.09 -35.13 -31.91
C LEU G 81 -24.42 -35.75 -32.32
N LEU G 82 -25.30 -35.95 -31.34
CA LEU G 82 -26.64 -36.44 -31.58
C LEU G 82 -27.46 -35.40 -32.34
N PHE G 83 -27.38 -34.14 -31.95
CA PHE G 83 -28.08 -33.10 -32.68
C PHE G 83 -27.68 -33.07 -34.19
N LEU G 84 -26.39 -33.18 -34.47
CA LEU G 84 -25.89 -33.15 -35.86
C LEU G 84 -26.42 -34.34 -36.70
N ARG G 85 -26.39 -35.54 -36.14
CA ARG G 85 -26.90 -36.72 -36.80
C ARG G 85 -28.38 -36.55 -37.09
N ARG G 86 -29.14 -36.08 -36.11
CA ARG G 86 -30.55 -35.87 -36.36
C ARG G 86 -30.77 -34.96 -37.59
N ASN G 87 -29.77 -34.13 -37.90
CA ASN G 87 -29.87 -33.16 -38.97
C ASN G 87 -29.04 -33.48 -40.23
N GLY G 88 -28.59 -34.73 -40.36
CA GLY G 88 -28.06 -35.21 -41.62
C GLY G 88 -26.56 -35.12 -41.76
N VAL G 89 -25.87 -34.66 -40.72
CA VAL G 89 -24.40 -34.58 -40.74
C VAL G 89 -23.81 -35.87 -40.23
N GLN G 90 -22.81 -36.39 -40.93
CA GLN G 90 -22.08 -37.60 -40.51
C GLN G 90 -21.03 -37.25 -39.50
N VAL G 91 -20.99 -37.98 -38.39
CA VAL G 91 -20.05 -37.65 -37.35
C VAL G 91 -19.22 -38.88 -37.07
N PHE G 92 -18.15 -38.71 -36.32
CA PHE G 92 -17.25 -39.80 -35.99
C PHE G 92 -16.38 -39.35 -34.85
N ASP G 93 -15.91 -40.29 -34.05
CA ASP G 93 -14.92 -40.04 -32.98
C ASP G 93 -13.71 -39.36 -33.61
N SER G 94 -13.18 -38.40 -32.88
CA SER G 94 -11.96 -37.75 -33.27
C SER G 94 -11.29 -37.41 -31.95
N PRO G 95 -9.95 -37.46 -31.90
CA PRO G 95 -9.14 -37.12 -30.73
C PRO G 95 -9.35 -35.71 -30.16
N GLU G 96 -9.61 -34.73 -31.01
CA GLU G 96 -9.88 -33.35 -30.57
C GLU G 96 -11.00 -33.24 -29.56
N LEU G 97 -12.00 -34.09 -29.66
CA LEU G 97 -13.27 -33.84 -28.95
C LEU G 97 -13.22 -33.87 -27.42
N ALA G 98 -12.38 -34.74 -26.85
CA ALA G 98 -12.24 -34.80 -25.38
C ALA G 98 -11.87 -33.47 -24.74
N ASP G 99 -10.77 -32.86 -25.20
CA ASP G 99 -10.30 -31.56 -24.69
C ASP G 99 -11.20 -30.40 -25.09
N LEU G 100 -11.84 -30.51 -26.24
CA LEU G 100 -12.83 -29.53 -26.66
C LEU G 100 -13.95 -29.42 -25.60
N THR G 101 -14.49 -30.56 -25.17
CA THR G 101 -15.65 -30.56 -24.31
C THR G 101 -15.37 -29.87 -22.99
N VAL G 102 -14.25 -30.22 -22.34
CA VAL G 102 -13.90 -29.61 -21.07
C VAL G 102 -13.62 -28.11 -21.23
N GLY G 103 -12.88 -27.75 -22.28
CA GLY G 103 -12.63 -26.34 -22.61
C GLY G 103 -13.91 -25.56 -22.86
N ALA G 104 -14.89 -26.17 -23.51
CA ALA G 104 -16.18 -25.55 -23.68
C ALA G 104 -16.96 -25.45 -22.34
N ALA G 105 -16.85 -26.47 -21.50
CA ALA G 105 -17.60 -26.56 -20.27
C ALA G 105 -17.15 -25.50 -19.27
N THR G 106 -15.82 -25.30 -19.18
CA THR G 106 -15.22 -24.34 -18.26
C THR G 106 -15.27 -22.90 -18.77
N GLY G 107 -15.57 -22.73 -20.05
CA GLY G 107 -15.63 -21.41 -20.66
C GLY G 107 -14.30 -20.92 -21.23
N GLU G 108 -13.26 -21.75 -21.14
CA GLU G 108 -11.93 -21.40 -21.68
C GLU G 108 -11.99 -21.23 -23.21
N ILE G 109 -12.74 -22.13 -23.86
CA ILE G 109 -13.00 -22.06 -25.29
C ILE G 109 -14.42 -21.53 -25.57
N SER G 110 -14.55 -20.59 -26.49
CA SER G 110 -15.85 -19.97 -26.75
C SER G 110 -16.72 -20.86 -27.61
N VAL G 111 -18.03 -20.66 -27.52
CA VAL G 111 -18.98 -21.43 -28.26
C VAL G 111 -18.69 -21.34 -29.77
N SER G 112 -18.15 -20.22 -30.22
CA SER G 112 -17.84 -20.07 -31.63
C SER G 112 -16.62 -20.86 -32.09
N SER G 113 -15.65 -21.10 -31.21
CA SER G 113 -14.49 -21.90 -31.62
C SER G 113 -14.84 -23.38 -31.62
N VAL G 114 -15.71 -23.77 -30.69
CA VAL G 114 -16.25 -25.11 -30.67
C VAL G 114 -17.04 -25.35 -31.97
N ALA G 115 -17.88 -24.40 -32.33
CA ALA G 115 -18.64 -24.48 -33.56
C ALA G 115 -17.74 -24.71 -34.77
N ASP G 116 -16.62 -24.01 -34.86
CA ASP G 116 -15.86 -24.14 -36.08
C ASP G 116 -14.79 -25.26 -36.08
N THR G 117 -14.43 -25.79 -34.91
CA THR G 117 -13.77 -27.09 -34.85
C THR G 117 -14.70 -28.18 -35.43
N LEU G 118 -15.96 -28.19 -34.97
CA LEU G 118 -16.95 -29.15 -35.40
C LEU G 118 -17.22 -29.00 -36.90
N ARG G 119 -17.41 -27.76 -37.34
CA ARG G 119 -17.60 -27.45 -38.76
C ARG G 119 -16.44 -28.00 -39.59
N ARG G 120 -15.23 -27.80 -39.09
CA ARG G 120 -14.00 -28.20 -39.75
C ARG G 120 -13.94 -29.70 -39.91
N LEU G 121 -14.27 -30.43 -38.85
CA LEU G 121 -14.23 -31.90 -38.88
C LEU G 121 -15.36 -32.53 -39.69
N TYR G 122 -16.55 -31.96 -39.58
CA TYR G 122 -17.77 -32.63 -40.05
C TYR G 122 -18.48 -31.90 -41.19
N GLY G 123 -18.06 -30.67 -41.47
CA GLY G 123 -18.78 -29.82 -42.41
C GLY G 123 -18.50 -30.14 -43.87
N SER G 124 -19.24 -29.47 -44.79
CA SER G 124 -19.41 -29.86 -46.19
C SER G 124 -18.43 -29.09 -47.09
N MET H 1 -34.76 -27.50 -38.91
CA MET H 1 -33.84 -27.92 -37.82
C MET H 1 -34.57 -28.72 -36.74
N ARG H 2 -34.09 -29.93 -36.49
CA ARG H 2 -34.70 -30.78 -35.52
C ARG H 2 -33.88 -30.85 -34.22
N HIS H 3 -34.54 -30.56 -33.11
CA HIS H 3 -33.90 -30.50 -31.81
C HIS H 3 -33.91 -31.81 -31.05
N ILE H 4 -33.04 -31.89 -30.06
CA ILE H 4 -33.00 -33.04 -29.17
C ILE H 4 -34.26 -32.98 -28.29
N SER H 5 -34.86 -34.13 -28.06
CA SER H 5 -36.00 -34.14 -27.13
C SER H 5 -35.48 -34.37 -25.70
N PRO H 6 -36.21 -33.87 -24.69
CA PRO H 6 -35.78 -34.15 -23.32
C PRO H 6 -35.55 -35.65 -23.03
N GLU H 7 -36.32 -36.51 -23.69
CA GLU H 7 -36.18 -37.95 -23.45
C GLU H 7 -34.94 -38.53 -24.12
N GLU H 8 -34.46 -37.87 -25.17
CA GLU H 8 -33.20 -38.27 -25.77
C GLU H 8 -32.06 -37.92 -24.83
N LEU H 9 -32.17 -36.76 -24.20
CA LEU H 9 -31.14 -36.28 -23.29
C LEU H 9 -31.02 -37.17 -22.05
N ILE H 10 -32.15 -37.47 -21.42
CA ILE H 10 -32.20 -38.31 -20.22
C ILE H 10 -31.56 -39.67 -20.46
N ALA H 11 -31.90 -40.27 -21.60
CA ALA H 11 -31.34 -41.56 -21.99
C ALA H 11 -29.84 -41.49 -22.12
N LEU H 12 -29.31 -40.42 -22.74
CA LEU H 12 -27.86 -40.20 -22.84
C LEU H 12 -27.23 -40.13 -21.47
N HIS H 13 -27.74 -39.22 -20.64
CA HIS H 13 -27.21 -39.08 -19.31
C HIS H 13 -27.27 -40.40 -18.51
N ASP H 14 -28.42 -41.08 -18.50
CA ASP H 14 -28.55 -42.40 -17.88
C ASP H 14 -27.55 -43.44 -18.42
N ALA H 15 -27.41 -43.51 -19.74
CA ALA H 15 -26.49 -44.46 -20.35
C ALA H 15 -25.08 -44.21 -19.86
N ASN H 16 -24.72 -42.94 -19.73
CA ASN H 16 -23.36 -42.59 -19.36
C ASN H 16 -23.09 -42.74 -17.87
N ILE H 17 -24.10 -42.44 -17.04
CA ILE H 17 -24.01 -42.65 -15.60
C ILE H 17 -23.85 -44.16 -15.28
N SER H 18 -24.61 -45.00 -15.99
CA SER H 18 -24.52 -46.47 -15.87
C SER H 18 -23.08 -46.96 -16.12
N ARG H 19 -22.58 -46.74 -17.33
CA ARG H 19 -21.16 -46.96 -17.60
C ARG H 19 -20.36 -46.08 -16.63
N TYR H 20 -19.06 -46.32 -16.52
CA TYR H 20 -18.22 -45.64 -15.53
C TYR H 20 -18.66 -45.98 -14.09
N ASP H 28 -32.45 -36.90 -12.54
CA ASP H 28 -33.82 -36.41 -12.74
C ASP H 28 -34.11 -35.84 -14.15
N PRO H 29 -35.39 -35.89 -14.59
CA PRO H 29 -35.92 -35.37 -15.88
C PRO H 29 -36.11 -33.85 -15.98
N GLY H 30 -36.16 -33.15 -14.86
CA GLY H 30 -36.38 -31.70 -14.86
C GLY H 30 -35.19 -30.95 -15.40
N ARG H 31 -34.00 -31.47 -15.14
CA ARG H 31 -32.77 -30.83 -15.61
C ARG H 31 -32.64 -30.92 -17.14
N ALA H 32 -33.00 -32.05 -17.72
CA ALA H 32 -33.00 -32.19 -19.18
C ALA H 32 -33.89 -31.16 -19.90
N GLU H 33 -35.12 -30.96 -19.40
CA GLU H 33 -36.04 -29.97 -19.95
C GLU H 33 -35.47 -28.54 -19.96
N ALA H 34 -34.73 -28.19 -18.92
CA ALA H 34 -34.15 -26.85 -18.78
C ALA H 34 -32.96 -26.61 -19.71
N ILE H 35 -32.12 -27.62 -19.88
CA ILE H 35 -31.00 -27.55 -20.81
C ILE H 35 -31.53 -27.28 -22.23
N ILE H 36 -32.51 -28.08 -22.64
CA ILE H 36 -33.10 -27.99 -23.95
C ILE H 36 -33.81 -26.64 -24.10
N GLY H 37 -34.53 -26.25 -23.05
CA GLY H 37 -35.12 -24.93 -22.97
C GLY H 37 -34.09 -23.82 -23.12
N ARG H 38 -32.95 -23.97 -22.43
CA ARG H 38 -31.89 -22.96 -22.49
C ARG H 38 -31.36 -22.81 -23.93
N VAL H 39 -31.11 -23.95 -24.58
CA VAL H 39 -30.59 -23.98 -25.94
C VAL H 39 -31.57 -23.35 -26.93
N GLN H 40 -32.78 -23.88 -26.96
CA GLN H 40 -33.82 -23.35 -27.81
C GLN H 40 -33.96 -21.84 -27.64
N ALA H 41 -33.87 -21.35 -26.40
CA ALA H 41 -34.01 -19.92 -26.09
C ALA H 41 -32.97 -19.04 -26.77
N ARG H 42 -31.71 -19.48 -26.75
CA ARG H 42 -30.62 -18.73 -27.38
C ARG H 42 -30.70 -18.77 -28.90
N VAL H 43 -31.18 -19.89 -29.44
CA VAL H 43 -31.39 -20.02 -30.88
C VAL H 43 -32.47 -19.05 -31.35
N ALA H 44 -33.55 -18.96 -30.58
CA ALA H 44 -34.59 -17.97 -30.79
C ALA H 44 -33.96 -16.59 -30.84
N TYR H 45 -33.49 -16.12 -29.68
CA TYR H 45 -32.90 -14.79 -29.53
C TYR H 45 -31.88 -14.48 -30.62
N GLU H 46 -30.80 -15.23 -30.68
CA GLU H 46 -29.73 -14.93 -31.64
C GLU H 46 -30.01 -15.41 -33.04
N GLU H 47 -31.16 -16.01 -33.23
CA GLU H 47 -31.60 -16.38 -34.58
C GLU H 47 -30.53 -17.17 -35.31
N ILE H 48 -30.08 -18.25 -34.66
CA ILE H 48 -28.95 -19.04 -35.14
C ILE H 48 -29.46 -20.05 -36.14
N THR H 49 -28.80 -20.14 -37.28
CA THR H 49 -29.27 -21.03 -38.35
C THR H 49 -28.25 -22.12 -38.64
N ASP H 50 -26.97 -21.80 -38.45
CA ASP H 50 -25.88 -22.73 -38.67
C ASP H 50 -25.96 -23.90 -37.66
N LEU H 51 -26.02 -25.13 -38.19
CA LEU H 51 -26.09 -26.34 -37.39
C LEU H 51 -24.98 -26.49 -36.34
N PHE H 52 -23.76 -26.10 -36.73
CA PHE H 52 -22.60 -26.27 -35.86
C PHE H 52 -22.62 -25.33 -34.67
N GLU H 53 -23.22 -24.16 -34.86
CA GLU H 53 -23.36 -23.22 -33.74
C GLU H 53 -24.35 -23.77 -32.72
N VAL H 54 -25.41 -24.42 -33.23
CA VAL H 54 -26.46 -25.00 -32.39
C VAL H 54 -25.88 -26.22 -31.70
N SER H 55 -25.12 -27.01 -32.46
CA SER H 55 -24.42 -28.17 -31.89
C SER H 55 -23.56 -27.74 -30.72
N ALA H 56 -22.81 -26.67 -30.91
CA ALA H 56 -21.89 -26.17 -29.91
C ALA H 56 -22.66 -25.64 -28.67
N THR H 57 -23.84 -25.07 -28.89
CA THR H 57 -24.67 -24.57 -27.81
C THR H 57 -25.16 -25.72 -26.93
N TYR H 58 -25.60 -26.79 -27.59
CA TYR H 58 -25.93 -28.01 -26.92
C TYR H 58 -24.76 -28.52 -26.06
N LEU H 59 -23.54 -28.45 -26.59
CA LEU H 59 -22.44 -29.03 -25.90
C LEU H 59 -22.21 -28.28 -24.59
N VAL H 60 -22.24 -26.95 -24.69
CA VAL H 60 -21.98 -26.10 -23.57
C VAL H 60 -23.07 -26.27 -22.50
N ALA H 61 -24.32 -26.23 -22.95
CA ALA H 61 -25.47 -26.26 -22.04
C ALA H 61 -25.64 -27.66 -21.38
N THR H 62 -25.34 -28.71 -22.10
CA THR H 62 -25.44 -30.02 -21.48
C THR H 62 -24.37 -30.23 -20.40
N ALA H 63 -23.17 -29.74 -20.63
CA ALA H 63 -22.12 -29.84 -19.64
C ALA H 63 -22.50 -29.07 -18.38
N ARG H 64 -23.03 -27.86 -18.56
CA ARG H 64 -23.27 -26.98 -17.39
C ARG H 64 -24.55 -27.29 -16.68
N GLY H 65 -25.44 -28.04 -17.32
CA GLY H 65 -26.75 -28.34 -16.76
C GLY H 65 -26.82 -29.64 -15.97
N TYR H 66 -25.73 -30.40 -16.00
CA TYR H 66 -25.63 -31.68 -15.29
C TYR H 66 -24.54 -31.71 -14.23
N ILE H 67 -24.45 -30.61 -13.50
CA ILE H 67 -23.57 -30.51 -12.33
C ILE H 67 -24.37 -30.79 -11.05
N PHE H 68 -23.93 -31.79 -10.31
CA PHE H 68 -24.62 -32.22 -9.10
C PHE H 68 -23.69 -32.10 -7.92
N ASN H 69 -24.30 -32.11 -6.74
CA ASN H 69 -23.51 -32.07 -5.52
C ASN H 69 -22.97 -33.47 -5.30
N ASP H 70 -21.74 -33.70 -5.75
CA ASP H 70 -21.08 -34.96 -5.57
C ASP H 70 -19.72 -34.78 -4.87
N ALA H 71 -18.95 -35.87 -4.86
CA ALA H 71 -17.60 -35.90 -4.30
C ALA H 71 -16.70 -34.88 -5.03
N ASN H 72 -16.89 -34.76 -6.36
CA ASN H 72 -16.11 -33.84 -7.16
C ASN H 72 -16.38 -32.39 -6.74
N LYS H 73 -17.65 -31.99 -6.73
CA LYS H 73 -17.99 -30.63 -6.35
C LYS H 73 -17.56 -30.29 -4.94
N ARG H 74 -17.77 -31.22 -4.01
CA ARG H 74 -17.38 -31.03 -2.64
C ARG H 74 -15.88 -30.77 -2.52
N THR H 75 -15.05 -31.50 -3.30
CA THR H 75 -13.60 -31.42 -3.15
C THR H 75 -13.13 -30.02 -3.55
N ALA H 76 -13.80 -29.44 -4.53
CA ALA H 76 -13.43 -28.14 -5.04
C ALA H 76 -13.67 -27.11 -3.97
N LEU H 77 -14.74 -27.29 -3.20
CA LEU H 77 -15.08 -26.30 -2.19
C LEU H 77 -14.22 -26.45 -0.93
N ASN H 78 -14.00 -27.70 -0.51
CA ASN H 78 -13.07 -28.06 0.56
C ASN H 78 -11.73 -27.39 0.35
N SER H 79 -11.23 -27.44 -0.89
CA SER H 79 -9.88 -27.02 -1.17
C SER H 79 -9.73 -25.51 -0.93
N ALA H 80 -10.68 -24.71 -1.39
CA ALA H 80 -10.68 -23.28 -1.20
C ALA H 80 -10.86 -22.87 0.27
N LEU H 81 -11.73 -23.59 0.99
CA LEU H 81 -11.96 -23.31 2.38
C LEU H 81 -10.82 -23.83 3.27
N LEU H 82 -10.26 -25.00 2.92
CA LEU H 82 -9.13 -25.53 3.68
C LEU H 82 -7.98 -24.53 3.56
N PHE H 83 -7.70 -24.06 2.35
CA PHE H 83 -6.68 -23.06 2.15
C PHE H 83 -6.85 -21.87 3.08
N LEU H 84 -8.05 -21.29 3.13
CA LEU H 84 -8.35 -20.14 3.99
C LEU H 84 -8.08 -20.43 5.46
N ARG H 85 -8.66 -21.51 5.98
CA ARG H 85 -8.47 -21.95 7.35
C ARG H 85 -6.99 -22.06 7.69
N ARG H 86 -6.21 -22.65 6.79
CA ARG H 86 -4.77 -22.89 6.98
C ARG H 86 -4.01 -21.57 7.06
N ASN H 87 -4.60 -20.51 6.53
CA ASN H 87 -3.96 -19.19 6.60
C ASN H 87 -4.67 -18.17 7.50
N GLY H 88 -5.36 -18.66 8.53
CA GLY H 88 -5.90 -17.83 9.60
C GLY H 88 -7.26 -17.19 9.40
N VAL H 89 -7.97 -17.54 8.32
CA VAL H 89 -9.32 -17.06 8.12
C VAL H 89 -10.34 -18.00 8.76
N GLN H 90 -11.34 -17.43 9.41
CA GLN H 90 -12.42 -18.23 9.97
C GLN H 90 -13.52 -18.45 8.95
N VAL H 91 -14.02 -19.66 8.95
CA VAL H 91 -14.75 -20.22 7.84
C VAL H 91 -15.95 -21.03 8.40
N PHE H 92 -17.05 -21.00 7.67
CA PHE H 92 -18.30 -21.60 8.14
C PHE H 92 -19.16 -21.87 6.91
N ASP H 93 -20.24 -22.64 7.10
CA ASP H 93 -21.13 -22.97 5.99
C ASP H 93 -22.00 -21.78 5.56
N SER H 94 -22.16 -21.64 4.26
CA SER H 94 -23.02 -20.62 3.68
C SER H 94 -23.79 -21.23 2.51
N PRO H 95 -25.13 -21.04 2.47
CA PRO H 95 -25.96 -21.42 1.32
C PRO H 95 -25.39 -20.96 -0.04
N GLU H 96 -24.63 -19.86 -0.06
CA GLU H 96 -24.05 -19.28 -1.30
C GLU H 96 -22.88 -20.07 -1.90
N LEU H 97 -22.30 -20.96 -1.13
CA LEU H 97 -21.14 -21.72 -1.58
C LEU H 97 -21.50 -22.71 -2.73
N ALA H 98 -22.67 -23.30 -2.64
CA ALA H 98 -23.11 -24.25 -3.66
C ALA H 98 -23.14 -23.62 -5.07
N ASP H 99 -23.86 -22.51 -5.21
CA ASP H 99 -23.91 -21.77 -6.47
C ASP H 99 -22.54 -21.11 -6.85
N LEU H 100 -21.79 -20.59 -5.87
CA LEU H 100 -20.47 -20.02 -6.17
C LEU H 100 -19.58 -21.01 -6.92
N THR H 101 -19.57 -22.25 -6.42
CA THR H 101 -18.72 -23.28 -6.97
C THR H 101 -19.09 -23.61 -8.43
N VAL H 102 -20.39 -23.68 -8.72
CA VAL H 102 -20.85 -23.96 -10.07
C VAL H 102 -20.45 -22.82 -11.01
N GLY H 103 -20.71 -21.57 -10.61
CA GLY H 103 -20.23 -20.44 -11.38
C GLY H 103 -18.72 -20.42 -11.54
N ALA H 104 -18.00 -20.97 -10.58
CA ALA H 104 -16.54 -21.01 -10.65
C ALA H 104 -16.13 -21.98 -11.75
N ALA H 105 -16.78 -23.14 -11.75
CA ALA H 105 -16.48 -24.19 -12.72
C ALA H 105 -16.79 -23.76 -14.16
N THR H 106 -17.88 -23.01 -14.36
CA THR H 106 -18.39 -22.72 -15.71
C THR H 106 -17.86 -21.43 -16.38
N GLY H 107 -17.16 -20.58 -15.63
CA GLY H 107 -16.66 -19.30 -16.15
C GLY H 107 -17.70 -18.18 -16.06
N GLU H 108 -18.85 -18.49 -15.49
CA GLU H 108 -19.96 -17.53 -15.40
C GLU H 108 -19.69 -16.47 -14.34
N ILE H 109 -18.91 -16.86 -13.33
CA ILE H 109 -18.42 -15.96 -12.32
C ILE H 109 -16.90 -16.01 -12.42
N SER H 110 -16.27 -14.86 -12.65
CA SER H 110 -14.83 -14.78 -12.80
C SER H 110 -14.10 -15.01 -11.47
N VAL H 111 -12.80 -15.32 -11.54
CA VAL H 111 -11.95 -15.52 -10.36
C VAL H 111 -12.14 -14.38 -9.33
N SER H 112 -12.06 -13.14 -9.83
CA SER H 112 -12.19 -11.95 -9.01
C SER H 112 -13.53 -11.91 -8.31
N SER H 113 -14.61 -12.12 -9.08
CA SER H 113 -15.96 -12.16 -8.51
C SER H 113 -16.10 -13.24 -7.44
N VAL H 114 -15.41 -14.38 -7.62
CA VAL H 114 -15.37 -15.43 -6.61
C VAL H 114 -14.67 -14.88 -5.36
N ALA H 115 -13.50 -14.25 -5.58
CA ALA H 115 -12.70 -13.70 -4.49
C ALA H 115 -13.50 -12.68 -3.65
N ASP H 116 -14.35 -11.90 -4.31
CA ASP H 116 -15.21 -10.96 -3.61
C ASP H 116 -16.27 -11.57 -2.73
N THR H 117 -16.99 -12.55 -3.25
CA THR H 117 -17.95 -13.31 -2.46
C THR H 117 -17.24 -13.93 -1.25
N LEU H 118 -16.08 -14.53 -1.43
CA LEU H 118 -15.34 -15.10 -0.32
C LEU H 118 -14.94 -14.04 0.74
N ARG H 119 -14.52 -12.88 0.25
CA ARG H 119 -14.01 -11.83 1.08
C ARG H 119 -15.14 -11.22 1.91
N ARG H 120 -16.34 -11.18 1.35
CA ARG H 120 -17.42 -10.56 2.10
C ARG H 120 -18.00 -11.54 3.09
N LEU H 121 -18.02 -12.82 2.76
CA LEU H 121 -18.55 -13.71 3.78
C LEU H 121 -17.54 -14.10 4.88
N TYR H 122 -16.25 -14.04 4.57
CA TYR H 122 -15.20 -14.41 5.51
C TYR H 122 -14.19 -13.32 5.89
N GLY H 123 -14.20 -12.21 5.15
CA GLY H 123 -13.33 -11.07 5.47
C GLY H 123 -13.63 -10.34 6.80
N SER H 124 -12.55 -9.91 7.48
CA SER H 124 -12.61 -9.33 8.82
C SER H 124 -11.89 -7.99 8.87
N ALA H 125 -11.22 -7.62 7.78
CA ALA H 125 -10.34 -6.45 7.71
C ALA H 125 -11.02 -5.16 7.17
N ASP H 126 -10.29 -4.05 7.24
CA ASP H 126 -10.62 -2.78 6.60
C ASP H 126 -11.02 -3.03 5.14
N PRO H 127 -12.29 -2.76 4.79
CA PRO H 127 -12.80 -3.08 3.46
C PRO H 127 -12.18 -2.21 2.36
N LEU H 128 -11.43 -1.19 2.77
CA LEU H 128 -10.69 -0.36 1.82
C LEU H 128 -9.23 -0.82 1.80
N GLU H 129 -8.92 -1.74 0.88
CA GLU H 129 -7.63 -2.45 0.79
C GLU H 129 -6.69 -2.31 2.01
#